data_8WOY
#
_entry.id   8WOY
#
_cell.length_a   1.00
_cell.length_b   1.00
_cell.length_c   1.00
_cell.angle_alpha   90.00
_cell.angle_beta   90.00
_cell.angle_gamma   90.00
#
_symmetry.space_group_name_H-M   'P 1'
#
loop_
_entity.id
_entity.type
_entity.pdbx_description
1 polymer 'Angiotensin-converting enzyme'
2 polymer 'Spike protein S1'
3 non-polymer 'ZINC ION'
4 non-polymer 2-acetamido-2-deoxy-beta-D-glucopyranose
#
loop_
_entity_poly.entity_id
_entity_poly.type
_entity_poly.pdbx_seq_one_letter_code
_entity_poly.pdbx_strand_id
1 'polypeptide(L)'
;STIEELAKTFLEKFNQEAEDLSYQSALASWDYNTNITEENVQKMNDAEAKWSAFYEEQSKLAKTYPSQEVQNLTVKRQLQ
ALQQSGSSALSADKSKQLNTILSTMSTIYSTGKVCNQSNPQECFLLEPGLDEIMAKSTDYNERLWAWEGWRSVVGKQLRP
LYEEYVVLKNEMARANNYEDYGDYWRADYEAEGADGYDYSRSQLIDDVERTFSEIKPLYEQLHAFVRTKLMDAYPSRISP
TGCLPAHLLGDMWGRFWTNLYSLTVPFGQKPNIDVTDTMVNQGWDAERIFKEAEKFFVSVGLPSMTQGFWENSMLTEPGD
GRKVVCHPTAWDLGKGDFRIKMCTKVTMDNFLTAHHEMGHIQYDMAYATQPFLLRNGANEGFHEAVGEIMSLSAATPEHL
KSIGLLPYDFHEDNETEINFLLKQALTIVGTLPFTYMLEKWRWMVFKGEIPKEQWMQKWWEMKREIVGVVEPMPHDETYC
DPAALFHVANDYSFIRYYTRTIYQFQFQEALCQAAQHEGPLHKCDISNSTEAGQKLLNMLRLGRSEPWTLALENVVGAKN
MDVRPLLNYFEPLFTWLKEQNRNSFVGWSTEWTPYA
;
A
2 'polypeptide(L)'
;RVQPTESIVRFPNITNLCPFDEVFNATRFASVYAWNRKRISNCVADYSVLYNFAPFFAFKCYGVSPTKLNDLCFTNVYAD
SFVIRGNEVSQIAPGQTGNIADYNYKLPDDFTGCVIAWNSNKLDSKVGGNYNYRYRLFRKSNLKPFERDISTEIYQAGNK
PCNGVAGVNCYFPLQSYGFRPTYGVGHQPYRVVVLSFELLHAPATVCGPKKSTNLVKNKCVNFHHHHHH
;
B
#
# COMPACT_ATOMS: atom_id res chain seq x y z
N SER A 1 27.26 -25.26 -12.11
CA SER A 1 26.22 -25.73 -13.03
C SER A 1 24.96 -26.12 -12.28
N THR A 2 24.36 -25.16 -11.58
CA THR A 2 23.15 -25.41 -10.80
C THR A 2 22.11 -24.36 -11.16
N ILE A 3 20.90 -24.53 -10.63
CA ILE A 3 19.83 -23.57 -10.83
C ILE A 3 19.55 -22.75 -9.59
N GLU A 4 20.02 -23.20 -8.42
CA GLU A 4 20.07 -22.31 -7.26
C GLU A 4 21.00 -21.14 -7.55
N GLU A 5 22.21 -21.45 -8.03
CA GLU A 5 23.03 -20.44 -8.67
C GLU A 5 22.47 -20.15 -10.07
N LEU A 6 22.95 -19.07 -10.68
CA LEU A 6 22.47 -18.58 -11.97
C LEU A 6 21.08 -17.97 -11.82
N ALA A 7 20.51 -18.08 -10.63
CA ALA A 7 19.28 -17.39 -10.26
C ALA A 7 19.50 -16.32 -9.21
N LYS A 8 20.40 -16.55 -8.26
CA LYS A 8 20.77 -15.51 -7.31
C LYS A 8 21.43 -14.33 -8.03
N THR A 9 22.30 -14.63 -8.99
CA THR A 9 22.98 -13.55 -9.72
C THR A 9 21.98 -12.72 -10.52
N PHE A 10 21.01 -13.38 -11.17
CA PHE A 10 20.01 -12.66 -11.93
C PHE A 10 19.20 -11.73 -11.04
N LEU A 11 18.77 -12.21 -9.88
CA LEU A 11 18.00 -11.37 -8.96
C LEU A 11 18.84 -10.23 -8.41
N GLU A 12 20.12 -10.50 -8.11
CA GLU A 12 20.99 -9.43 -7.61
C GLU A 12 21.17 -8.34 -8.64
N LYS A 13 21.31 -8.71 -9.91
CA LYS A 13 21.39 -7.70 -10.96
C LYS A 13 20.07 -6.96 -11.11
N PHE A 14 18.95 -7.69 -11.08
CA PHE A 14 17.65 -7.09 -11.35
C PHE A 14 17.27 -6.09 -10.28
N ASN A 15 17.54 -6.40 -9.01
CA ASN A 15 17.17 -5.48 -7.94
C ASN A 15 17.85 -4.13 -8.13
N GLN A 16 19.17 -4.13 -8.30
CA GLN A 16 19.91 -2.89 -8.43
C GLN A 16 19.58 -2.17 -9.73
N GLU A 17 19.20 -2.91 -10.78
CA GLU A 17 18.85 -2.22 -12.02
C GLU A 17 17.47 -1.58 -11.95
N ALA A 18 16.52 -2.23 -11.25
CA ALA A 18 15.15 -1.74 -11.24
C ALA A 18 14.92 -0.67 -10.19
N GLU A 19 15.74 -0.66 -9.12
CA GLU A 19 15.53 0.33 -8.08
C GLU A 19 15.79 1.76 -8.55
N ASP A 20 16.41 1.94 -9.71
CA ASP A 20 16.60 3.28 -10.26
C ASP A 20 15.48 3.69 -11.19
N LEU A 21 15.06 2.79 -12.08
CA LEU A 21 13.96 3.09 -12.99
C LEU A 21 12.67 3.33 -12.23
N SER A 22 12.41 2.53 -11.20
CA SER A 22 11.20 2.75 -10.39
C SER A 22 11.23 4.12 -9.74
N TYR A 23 12.39 4.51 -9.21
CA TYR A 23 12.51 5.82 -8.57
C TYR A 23 12.28 6.95 -9.56
N GLN A 24 12.84 6.82 -10.77
CA GLN A 24 12.63 7.86 -11.78
C GLN A 24 11.16 7.99 -12.15
N SER A 25 10.48 6.86 -12.34
CA SER A 25 9.06 6.91 -12.67
C SER A 25 8.24 7.53 -11.54
N ALA A 26 8.55 7.16 -10.30
CA ALA A 26 7.81 7.72 -9.17
C ALA A 26 8.03 9.22 -9.05
N LEU A 27 9.28 9.68 -9.24
CA LEU A 27 9.54 11.11 -9.16
C LEU A 27 8.83 11.87 -10.26
N ALA A 28 8.80 11.31 -11.47
CA ALA A 28 8.07 11.96 -12.56
C ALA A 28 6.58 12.05 -12.26
N SER A 29 6.00 10.98 -11.70
CA SER A 29 4.58 11.01 -11.36
C SER A 29 4.29 12.03 -10.28
N TRP A 30 5.16 12.12 -9.27
CA TRP A 30 4.96 13.14 -8.24
C TRP A 30 5.05 14.54 -8.82
N ASP A 31 5.99 14.76 -9.74
CA ASP A 31 6.10 16.07 -10.38
C ASP A 31 4.85 16.39 -11.18
N TYR A 32 4.26 15.39 -11.85
CA TYR A 32 2.99 15.61 -12.53
C TYR A 32 1.90 16.01 -11.56
N ASN A 33 1.80 15.30 -10.43
CA ASN A 33 0.68 15.53 -9.52
C ASN A 33 0.82 16.84 -8.74
N THR A 34 2.04 17.26 -8.43
CA THR A 34 2.20 18.49 -7.65
C THR A 34 1.83 19.72 -8.47
N ASN A 35 2.34 19.82 -9.69
CA ASN A 35 1.94 20.88 -10.62
C ASN A 35 1.68 20.24 -11.98
N ILE A 36 0.61 20.66 -12.65
CA ILE A 36 0.20 20.03 -13.90
C ILE A 36 0.59 20.95 -15.05
N THR A 37 1.55 20.51 -15.85
CA THR A 37 1.98 21.20 -17.06
C THR A 37 2.28 20.15 -18.14
N GLU A 38 2.19 20.58 -19.40
CA GLU A 38 2.33 19.64 -20.51
C GLU A 38 3.72 19.02 -20.55
N GLU A 39 4.73 19.80 -20.19
CA GLU A 39 6.10 19.31 -20.15
C GLU A 39 6.22 18.14 -19.19
N ASN A 40 5.55 18.23 -18.04
CA ASN A 40 5.52 17.10 -17.11
C ASN A 40 4.69 15.95 -17.65
N VAL A 41 3.64 16.25 -18.43
CA VAL A 41 2.83 15.20 -19.04
C VAL A 41 3.70 14.33 -19.93
N GLN A 42 4.54 14.97 -20.73
CA GLN A 42 5.42 14.21 -21.63
C GLN A 42 6.41 13.35 -20.85
N LYS A 43 6.97 13.91 -19.78
CA LYS A 43 7.97 13.20 -18.98
C LYS A 43 7.38 11.98 -18.31
N MET A 44 6.13 12.08 -17.85
CA MET A 44 5.48 10.95 -17.20
C MET A 44 5.47 9.74 -18.13
N ASN A 45 5.01 9.94 -19.37
CA ASN A 45 5.01 8.87 -20.35
C ASN A 45 6.42 8.42 -20.72
N ASP A 46 7.36 9.36 -20.86
CA ASP A 46 8.74 8.99 -21.16
C ASP A 46 9.34 8.07 -20.11
N ALA A 47 8.95 8.21 -18.85
CA ALA A 47 9.44 7.32 -17.81
C ALA A 47 8.66 6.01 -17.75
N GLU A 48 7.33 6.09 -17.86
CA GLU A 48 6.50 4.90 -17.76
C GLU A 48 6.80 3.91 -18.88
N ALA A 49 6.97 4.41 -20.11
CA ALA A 49 7.25 3.50 -21.22
C ALA A 49 8.56 2.75 -21.01
N LYS A 50 9.60 3.46 -20.57
CA LYS A 50 10.87 2.80 -20.32
C LYS A 50 10.76 1.76 -19.22
N TRP A 51 10.06 2.09 -18.13
CA TRP A 51 9.93 1.13 -17.04
C TRP A 51 9.18 -0.12 -17.50
N SER A 52 8.08 0.06 -18.23
CA SER A 52 7.31 -1.09 -18.70
C SER A 52 8.12 -1.94 -19.68
N ALA A 53 8.84 -1.30 -20.60
CA ALA A 53 9.62 -2.06 -21.56
C ALA A 53 10.74 -2.85 -20.88
N PHE A 54 11.44 -2.23 -19.92
CA PHE A 54 12.49 -2.94 -19.22
C PHE A 54 11.93 -4.11 -18.41
N TYR A 55 10.78 -3.91 -17.76
CA TYR A 55 10.16 -5.00 -17.00
C TYR A 55 9.77 -6.15 -17.92
N GLU A 56 9.23 -5.82 -19.09
CA GLU A 56 8.87 -6.87 -20.05
C GLU A 56 10.11 -7.62 -20.53
N GLU A 57 11.19 -6.90 -20.80
CA GLU A 57 12.42 -7.55 -21.23
C GLU A 57 12.94 -8.50 -20.15
N GLN A 58 12.91 -8.07 -18.89
CA GLN A 58 13.35 -8.94 -17.80
C GLN A 58 12.44 -10.16 -17.66
N SER A 59 11.13 -9.98 -17.78
CA SER A 59 10.21 -11.09 -17.69
C SER A 59 10.41 -12.09 -18.82
N LYS A 60 10.84 -11.60 -19.99
CA LYS A 60 11.11 -12.51 -21.10
C LYS A 60 12.25 -13.46 -20.76
N LEU A 61 13.32 -12.96 -20.14
CA LEU A 61 14.47 -13.79 -19.80
C LEU A 61 14.27 -14.61 -18.53
N ALA A 62 13.40 -14.18 -17.62
CA ALA A 62 13.29 -14.87 -16.34
C ALA A 62 12.70 -16.27 -16.46
N LYS A 63 11.79 -16.50 -17.41
CA LYS A 63 11.08 -17.76 -17.48
C LYS A 63 11.95 -18.92 -17.92
N THR A 64 13.19 -18.66 -18.36
CA THR A 64 14.09 -19.74 -18.77
C THR A 64 14.52 -20.62 -17.61
N TYR A 65 14.25 -20.22 -16.36
CA TYR A 65 14.62 -21.02 -15.21
C TYR A 65 13.36 -21.67 -14.66
N PRO A 66 13.16 -22.98 -14.81
CA PRO A 66 11.98 -23.61 -14.23
C PRO A 66 12.00 -23.55 -12.71
N SER A 67 10.86 -23.17 -12.14
CA SER A 67 10.77 -22.88 -10.72
C SER A 67 10.58 -24.12 -9.86
N GLN A 68 10.30 -25.28 -10.46
CA GLN A 68 10.13 -26.50 -9.67
C GLN A 68 11.42 -26.88 -8.96
N GLU A 69 12.56 -26.74 -9.65
CA GLU A 69 13.83 -27.18 -9.09
C GLU A 69 14.32 -26.28 -7.97
N VAL A 70 13.83 -25.04 -7.88
CA VAL A 70 14.29 -24.11 -6.85
C VAL A 70 13.76 -24.59 -5.51
N GLN A 71 14.66 -24.87 -4.58
CA GLN A 71 14.28 -25.40 -3.26
C GLN A 71 14.16 -24.33 -2.19
N ASN A 72 15.01 -23.30 -2.23
CA ASN A 72 14.92 -22.23 -1.26
C ASN A 72 13.65 -21.42 -1.51
N LEU A 73 12.87 -21.21 -0.45
CA LEU A 73 11.59 -20.53 -0.59
C LEU A 73 11.76 -19.04 -0.86
N THR A 74 12.75 -18.41 -0.23
CA THR A 74 12.93 -16.97 -0.38
C THR A 74 13.25 -16.61 -1.83
N VAL A 75 14.19 -17.33 -2.44
CA VAL A 75 14.53 -17.07 -3.83
C VAL A 75 13.38 -17.46 -4.74
N LYS A 76 12.67 -18.55 -4.40
CA LYS A 76 11.55 -18.99 -5.22
C LYS A 76 10.45 -17.96 -5.27
N ARG A 77 10.21 -17.27 -4.15
CA ARG A 77 9.15 -16.26 -4.12
C ARG A 77 9.50 -15.08 -5.02
N GLN A 78 10.76 -14.66 -5.02
CA GLN A 78 11.17 -13.56 -5.90
C GLN A 78 11.13 -13.99 -7.36
N LEU A 79 11.55 -15.22 -7.65
CA LEU A 79 11.56 -15.68 -9.02
C LEU A 79 10.15 -15.86 -9.56
N GLN A 80 9.24 -16.42 -8.75
CA GLN A 80 7.89 -16.70 -9.21
C GLN A 80 7.07 -15.43 -9.35
N ALA A 81 7.32 -14.44 -8.49
CA ALA A 81 6.59 -13.18 -8.57
C ALA A 81 6.87 -12.43 -9.86
N LEU A 82 7.93 -12.78 -10.58
CA LEU A 82 8.30 -12.09 -11.81
C LEU A 82 7.98 -12.89 -13.06
N GLN A 83 7.80 -14.21 -12.94
CA GLN A 83 7.49 -15.03 -14.11
C GLN A 83 6.15 -14.71 -14.72
N GLN A 84 5.26 -14.01 -14.00
CA GLN A 84 3.97 -13.65 -14.55
C GLN A 84 4.14 -12.59 -15.63
N SER A 85 3.61 -12.89 -16.82
CA SER A 85 3.72 -11.99 -17.97
C SER A 85 2.41 -11.29 -18.27
N GLY A 86 1.32 -12.04 -18.47
CA GLY A 86 0.04 -11.43 -18.76
C GLY A 86 -0.43 -11.61 -20.19
N SER A 87 -0.83 -10.50 -20.82
CA SER A 87 -1.41 -10.56 -22.15
C SER A 87 -0.38 -10.84 -23.24
N SER A 88 0.91 -10.83 -22.92
CA SER A 88 1.94 -11.07 -23.92
C SER A 88 1.85 -12.47 -24.51
N ALA A 89 1.15 -13.39 -23.86
CA ALA A 89 1.04 -14.76 -24.37
C ALA A 89 -0.03 -14.88 -25.45
N LEU A 90 -0.89 -13.88 -25.62
CA LEU A 90 -1.94 -13.97 -26.61
C LEU A 90 -1.40 -13.63 -28.00
N SER A 91 -2.31 -13.64 -28.98
CA SER A 91 -1.94 -13.29 -30.34
C SER A 91 -1.64 -11.80 -30.45
N ALA A 92 -0.94 -11.43 -31.52
CA ALA A 92 -0.60 -10.03 -31.73
C ALA A 92 -1.86 -9.18 -31.94
N ASP A 93 -2.81 -9.67 -32.73
CA ASP A 93 -4.03 -8.92 -32.96
C ASP A 93 -4.97 -9.02 -31.77
N LYS A 94 -5.00 -10.18 -31.11
CA LYS A 94 -5.84 -10.34 -29.93
C LYS A 94 -5.37 -9.45 -28.79
N SER A 95 -4.07 -9.18 -28.70
CA SER A 95 -3.57 -8.28 -27.67
C SER A 95 -4.09 -6.86 -27.87
N LYS A 96 -4.15 -6.38 -29.12
CA LYS A 96 -4.63 -5.03 -29.37
C LYS A 96 -6.16 -4.95 -29.30
N GLN A 97 -6.85 -6.03 -29.68
CA GLN A 97 -8.32 -5.99 -29.62
C GLN A 97 -8.81 -5.81 -28.18
N LEU A 98 -8.18 -6.52 -27.24
CA LEU A 98 -8.57 -6.39 -25.84
C LEU A 98 -8.31 -4.99 -25.32
N ASN A 99 -7.18 -4.40 -25.71
CA ASN A 99 -6.89 -3.02 -25.29
C ASN A 99 -7.91 -2.04 -25.85
N THR A 100 -8.28 -2.21 -27.13
CA THR A 100 -9.32 -1.35 -27.70
C THR A 100 -10.64 -1.52 -26.97
N ILE A 101 -10.99 -2.76 -26.62
CA ILE A 101 -12.25 -3.00 -25.91
C ILE A 101 -12.22 -2.35 -24.54
N LEU A 102 -11.10 -2.46 -23.83
CA LEU A 102 -10.99 -1.83 -22.52
C LEU A 102 -11.10 -0.31 -22.63
N SER A 103 -10.46 0.27 -23.63
CA SER A 103 -10.52 1.72 -23.81
C SER A 103 -11.95 2.17 -24.12
N THR A 104 -12.64 1.44 -25.00
CA THR A 104 -14.00 1.84 -25.36
C THR A 104 -15.00 1.53 -24.27
N MET A 105 -14.69 0.63 -23.35
CA MET A 105 -15.50 0.49 -22.14
C MET A 105 -15.25 1.63 -21.17
N SER A 106 -14.01 2.05 -20.99
CA SER A 106 -13.70 3.07 -20.01
C SER A 106 -14.18 4.45 -20.47
N THR A 107 -14.19 4.71 -21.78
CA THR A 107 -14.51 6.05 -22.24
C THR A 107 -15.99 6.39 -22.04
N ILE A 108 -16.87 5.41 -22.06
CA ILE A 108 -18.31 5.68 -21.93
C ILE A 108 -18.65 6.10 -20.52
N TYR A 109 -18.04 5.47 -19.52
CA TYR A 109 -18.47 5.63 -18.14
C TYR A 109 -18.36 7.09 -17.68
N SER A 110 -17.28 7.77 -18.05
CA SER A 110 -17.11 9.16 -17.65
C SER A 110 -17.88 10.12 -18.56
N THR A 111 -18.34 9.64 -19.71
CA THR A 111 -19.07 10.45 -20.68
C THR A 111 -20.52 10.02 -20.79
N GLY A 112 -21.13 9.67 -19.65
CA GLY A 112 -22.52 9.30 -19.62
C GLY A 112 -23.40 10.47 -19.24
N LYS A 113 -24.48 10.66 -20.00
CA LYS A 113 -25.42 11.74 -19.75
C LYS A 113 -26.84 11.22 -19.90
N VAL A 114 -27.77 11.83 -19.15
CA VAL A 114 -29.17 11.44 -19.14
C VAL A 114 -30.01 12.68 -19.43
N CYS A 115 -31.07 12.50 -20.21
CA CYS A 115 -31.94 13.62 -20.55
C CYS A 115 -32.80 14.00 -19.34
N ASN A 116 -33.29 15.25 -19.37
CA ASN A 116 -34.18 15.76 -18.35
C ASN A 116 -35.59 15.92 -18.94
N GLN A 117 -36.60 15.72 -18.11
CA GLN A 117 -37.97 15.86 -18.57
C GLN A 117 -38.33 17.34 -18.72
N SER A 118 -39.24 17.61 -19.67
CA SER A 118 -39.84 18.93 -19.89
C SER A 118 -38.85 19.95 -20.46
N ASN A 119 -37.62 19.52 -20.74
CA ASN A 119 -36.64 20.38 -21.39
C ASN A 119 -35.47 19.59 -21.95
N PRO A 120 -34.98 19.91 -23.14
CA PRO A 120 -33.85 19.19 -23.70
C PRO A 120 -32.57 19.43 -22.93
N GLN A 121 -32.51 20.54 -22.20
CA GLN A 121 -31.33 20.93 -21.46
C GLN A 121 -31.27 20.19 -20.11
N GLU A 122 -30.38 20.62 -19.23
CA GLU A 122 -30.18 20.05 -17.91
C GLU A 122 -29.83 18.57 -17.98
N CYS A 123 -28.98 18.18 -18.93
CA CYS A 123 -28.49 16.81 -19.00
C CYS A 123 -27.34 16.65 -18.01
N PHE A 124 -27.57 15.86 -16.97
CA PHE A 124 -26.61 15.72 -15.89
C PHE A 124 -25.66 14.56 -16.12
N LEU A 125 -24.45 14.68 -15.59
CA LEU A 125 -23.48 13.59 -15.59
C LEU A 125 -23.47 12.90 -14.24
N LEU A 126 -22.62 11.89 -14.09
CA LEU A 126 -22.62 11.08 -12.87
C LEU A 126 -21.96 11.82 -11.71
N GLU A 127 -20.65 12.10 -11.83
CA GLU A 127 -19.90 12.62 -10.70
C GLU A 127 -20.40 13.98 -10.21
N PRO A 128 -20.55 15.01 -11.05
CA PRO A 128 -20.99 16.30 -10.51
C PRO A 128 -22.45 16.32 -10.07
N GLY A 129 -23.36 15.85 -10.92
CA GLY A 129 -24.77 16.14 -10.70
C GLY A 129 -25.64 15.04 -10.12
N LEU A 130 -25.52 13.81 -10.63
CA LEU A 130 -26.43 12.76 -10.19
C LEU A 130 -26.11 12.29 -8.77
N ASP A 131 -24.85 12.40 -8.36
CA ASP A 131 -24.48 12.03 -7.00
C ASP A 131 -25.20 12.91 -5.99
N GLU A 132 -25.32 14.21 -6.27
CA GLU A 132 -26.04 15.10 -5.37
C GLU A 132 -27.49 14.69 -5.23
N ILE A 133 -28.14 14.33 -6.34
CA ILE A 133 -29.54 13.90 -6.30
C ILE A 133 -29.67 12.63 -5.49
N MET A 134 -28.82 11.64 -5.74
CA MET A 134 -28.89 10.40 -4.98
C MET A 134 -28.51 10.59 -3.52
N ALA A 135 -27.84 11.68 -3.18
CA ALA A 135 -27.41 11.92 -1.80
C ALA A 135 -28.46 12.67 -0.98
N LYS A 136 -29.09 13.70 -1.56
CA LYS A 136 -29.96 14.57 -0.78
C LYS A 136 -31.44 14.46 -1.11
N SER A 137 -31.80 13.96 -2.29
CA SER A 137 -33.20 13.99 -2.71
C SER A 137 -34.04 13.01 -1.91
N THR A 138 -35.30 13.38 -1.69
CA THR A 138 -36.25 12.56 -0.94
C THR A 138 -37.54 12.32 -1.69
N ASP A 139 -37.56 12.54 -2.99
CA ASP A 139 -38.75 12.30 -3.80
C ASP A 139 -38.60 10.98 -4.55
N TYR A 140 -39.65 10.16 -4.49
CA TYR A 140 -39.61 8.84 -5.12
C TYR A 140 -39.44 8.95 -6.63
N ASN A 141 -40.16 9.89 -7.24
CA ASN A 141 -40.17 10.01 -8.70
C ASN A 141 -38.79 10.35 -9.25
N GLU A 142 -38.11 11.32 -8.66
CA GLU A 142 -36.80 11.73 -9.16
C GLU A 142 -35.79 10.61 -9.02
N ARG A 143 -35.82 9.90 -7.88
CA ARG A 143 -34.87 8.81 -7.68
C ARG A 143 -35.11 7.69 -8.67
N LEU A 144 -36.38 7.32 -8.89
CA LEU A 144 -36.67 6.30 -9.89
C LEU A 144 -36.23 6.75 -11.28
N TRP A 145 -36.48 8.02 -11.61
CA TRP A 145 -36.11 8.53 -12.92
C TRP A 145 -34.59 8.45 -13.14
N ALA A 146 -33.80 8.89 -12.16
CA ALA A 146 -32.35 8.83 -12.31
C ALA A 146 -31.85 7.39 -12.38
N TRP A 147 -32.39 6.52 -11.51
CA TRP A 147 -31.96 5.14 -11.46
C TRP A 147 -32.23 4.44 -12.78
N GLU A 148 -33.40 4.68 -13.38
CA GLU A 148 -33.70 4.08 -14.67
C GLU A 148 -32.90 4.71 -15.79
N GLY A 149 -32.69 6.03 -15.76
CA GLY A 149 -32.01 6.69 -16.85
C GLY A 149 -30.56 6.29 -16.97
N TRP A 150 -29.86 6.17 -15.84
CA TRP A 150 -28.45 5.81 -15.90
C TRP A 150 -28.25 4.44 -16.54
N ARG A 151 -29.06 3.47 -16.14
CA ARG A 151 -28.97 2.11 -16.66
C ARG A 151 -29.61 1.94 -18.03
N SER A 152 -30.43 2.90 -18.46
CA SER A 152 -30.91 2.91 -19.84
C SER A 152 -29.96 3.59 -20.79
N VAL A 153 -29.06 4.43 -20.29
CA VAL A 153 -28.08 5.09 -21.14
C VAL A 153 -26.81 4.26 -21.26
N VAL A 154 -26.23 3.87 -20.12
CA VAL A 154 -24.89 3.26 -20.17
C VAL A 154 -24.99 1.74 -20.27
N GLY A 155 -25.92 1.14 -19.54
CA GLY A 155 -25.99 -0.32 -19.50
C GLY A 155 -26.31 -0.93 -20.85
N LYS A 156 -27.27 -0.35 -21.56
CA LYS A 156 -27.67 -0.90 -22.85
C LYS A 156 -26.57 -0.78 -23.89
N GLN A 157 -25.57 0.07 -23.65
CA GLN A 157 -24.43 0.16 -24.55
C GLN A 157 -23.30 -0.77 -24.13
N LEU A 158 -23.15 -1.02 -22.84
CA LEU A 158 -21.97 -1.74 -22.37
C LEU A 158 -22.09 -3.26 -22.42
N ARG A 159 -23.21 -3.82 -22.90
CA ARG A 159 -23.38 -5.27 -22.80
C ARG A 159 -22.58 -6.05 -23.84
N PRO A 160 -22.69 -5.77 -25.15
CA PRO A 160 -21.86 -6.53 -26.10
C PRO A 160 -20.37 -6.37 -25.88
N LEU A 161 -19.95 -5.20 -25.41
CA LEU A 161 -18.55 -5.00 -25.05
C LEU A 161 -18.13 -5.97 -23.95
N TYR A 162 -18.97 -6.15 -22.94
CA TYR A 162 -18.68 -7.11 -21.89
C TYR A 162 -18.74 -8.55 -22.40
N GLU A 163 -19.62 -8.83 -23.36
CA GLU A 163 -19.67 -10.17 -23.94
C GLU A 163 -18.38 -10.52 -24.65
N GLU A 164 -17.77 -9.55 -25.34
CA GLU A 164 -16.45 -9.78 -25.93
C GLU A 164 -15.35 -9.83 -24.87
N TYR A 165 -15.47 -8.99 -23.85
CA TYR A 165 -14.46 -8.91 -22.80
C TYR A 165 -14.31 -10.23 -22.06
N VAL A 166 -15.43 -10.88 -21.73
CA VAL A 166 -15.34 -12.14 -21.01
C VAL A 166 -14.62 -13.19 -21.84
N VAL A 167 -14.90 -13.26 -23.14
CA VAL A 167 -14.25 -14.27 -23.99
C VAL A 167 -12.76 -14.01 -24.10
N LEU A 168 -12.37 -12.75 -24.35
CA LEU A 168 -10.94 -12.45 -24.47
C LEU A 168 -10.19 -12.72 -23.17
N LYS A 169 -10.77 -12.32 -22.04
CA LYS A 169 -10.11 -12.53 -20.76
C LYS A 169 -10.04 -14.02 -20.41
N ASN A 170 -11.07 -14.79 -20.77
CA ASN A 170 -11.05 -16.21 -20.50
C ASN A 170 -9.99 -16.92 -21.34
N GLU A 171 -9.80 -16.50 -22.59
CA GLU A 171 -8.69 -17.03 -23.37
C GLU A 171 -7.35 -16.64 -22.78
N MET A 172 -7.21 -15.40 -22.32
CA MET A 172 -5.99 -14.96 -21.65
C MET A 172 -5.69 -15.83 -20.43
N ALA A 173 -6.70 -16.13 -19.63
CA ALA A 173 -6.48 -16.93 -18.43
C ALA A 173 -6.03 -18.33 -18.77
N ARG A 174 -6.68 -18.96 -19.76
CA ARG A 174 -6.31 -20.33 -20.12
C ARG A 174 -4.96 -20.40 -20.80
N ALA A 175 -4.50 -19.29 -21.39
CA ALA A 175 -3.16 -19.28 -21.97
C ALA A 175 -2.06 -19.41 -20.93
N ASN A 176 -2.34 -19.07 -19.67
CA ASN A 176 -1.32 -19.03 -18.61
C ASN A 176 -1.55 -20.09 -17.54
N ASN A 177 -1.94 -21.30 -17.93
CA ASN A 177 -2.07 -22.46 -17.05
C ASN A 177 -3.11 -22.27 -15.95
N TYR A 178 -3.99 -21.30 -16.08
CA TYR A 178 -5.09 -21.13 -15.13
C TYR A 178 -6.39 -21.66 -15.71
N GLU A 179 -7.39 -21.83 -14.84
CA GLU A 179 -8.67 -22.37 -15.25
C GLU A 179 -9.55 -21.30 -15.91
N ASP A 180 -9.85 -20.24 -15.18
CA ASP A 180 -10.63 -19.11 -15.66
C ASP A 180 -10.04 -17.81 -15.11
N TYR A 181 -10.64 -16.69 -15.48
CA TYR A 181 -10.13 -15.40 -15.03
C TYR A 181 -10.40 -15.18 -13.54
N GLY A 182 -11.49 -15.75 -13.02
CA GLY A 182 -11.71 -15.72 -11.58
C GLY A 182 -10.61 -16.44 -10.84
N ASP A 183 -10.15 -17.57 -11.37
CA ASP A 183 -9.00 -18.26 -10.79
C ASP A 183 -7.75 -17.41 -10.90
N TYR A 184 -7.65 -16.56 -11.93
CA TYR A 184 -6.53 -15.63 -12.02
C TYR A 184 -6.57 -14.61 -10.89
N TRP A 185 -7.75 -14.06 -10.61
CA TRP A 185 -7.88 -13.13 -9.49
C TRP A 185 -7.58 -13.81 -8.17
N ARG A 186 -8.08 -15.03 -7.95
CA ARG A 186 -7.85 -15.72 -6.69
C ARG A 186 -6.44 -16.26 -6.54
N ALA A 187 -5.52 -15.90 -7.43
CA ALA A 187 -4.12 -16.30 -7.30
C ALA A 187 -3.36 -15.44 -6.31
N ASP A 188 -3.97 -14.37 -5.79
CA ASP A 188 -3.31 -13.51 -4.82
C ASP A 188 -3.34 -14.08 -3.41
N TYR A 189 -4.18 -15.08 -3.16
CA TYR A 189 -4.32 -15.66 -1.84
C TYR A 189 -3.65 -17.02 -1.72
N GLU A 190 -2.78 -17.38 -2.67
CA GLU A 190 -2.13 -18.68 -2.67
C GLU A 190 -0.86 -18.59 -1.83
N ALA A 191 -0.73 -19.49 -0.85
CA ALA A 191 0.42 -19.50 0.06
C ALA A 191 1.01 -20.90 0.12
N GLU A 192 2.34 -20.95 0.16
CA GLU A 192 3.07 -22.21 0.27
C GLU A 192 4.11 -22.10 1.37
N GLY A 193 4.30 -23.19 2.11
CA GLY A 193 5.20 -23.19 3.23
C GLY A 193 5.22 -24.51 3.99
N ALA A 194 5.06 -24.44 5.32
CA ALA A 194 5.06 -25.64 6.14
C ALA A 194 3.80 -26.46 5.86
N ASP A 195 3.67 -27.58 6.57
CA ASP A 195 2.57 -28.52 6.34
C ASP A 195 1.22 -27.96 6.80
N GLY A 196 1.19 -26.91 7.61
CA GLY A 196 -0.07 -26.37 8.08
C GLY A 196 -0.40 -24.99 7.54
N TYR A 197 0.58 -24.33 6.91
CA TYR A 197 0.41 -22.99 6.39
C TYR A 197 0.15 -22.98 4.89
N ASP A 198 -0.41 -24.06 4.36
CA ASP A 198 -0.68 -24.20 2.93
C ASP A 198 -2.11 -23.76 2.66
N TYR A 199 -2.27 -22.77 1.79
CA TYR A 199 -3.58 -22.26 1.40
C TYR A 199 -3.72 -22.36 -0.11
N SER A 200 -4.75 -23.07 -0.56
CA SER A 200 -5.04 -23.22 -1.97
C SER A 200 -6.10 -22.22 -2.39
N ARG A 201 -6.17 -21.96 -3.70
CA ARG A 201 -7.14 -21.01 -4.22
C ARG A 201 -8.56 -21.48 -3.96
N SER A 202 -8.83 -22.77 -4.19
CA SER A 202 -10.17 -23.30 -4.03
C SER A 202 -10.71 -23.13 -2.61
N GLN A 203 -9.83 -22.99 -1.63
CA GLN A 203 -10.25 -22.83 -0.25
C GLN A 203 -10.80 -21.44 0.05
N LEU A 204 -10.64 -20.49 -0.88
CA LEU A 204 -11.12 -19.13 -0.59
C LEU A 204 -12.64 -19.08 -0.54
N ILE A 205 -13.31 -19.69 -1.52
CA ILE A 205 -14.76 -19.60 -1.61
C ILE A 205 -15.41 -20.15 -0.35
N ASP A 206 -14.99 -21.34 0.07
CA ASP A 206 -15.55 -21.95 1.27
C ASP A 206 -15.24 -21.16 2.53
N ASP A 207 -14.29 -20.23 2.48
CA ASP A 207 -14.04 -19.35 3.61
C ASP A 207 -14.89 -18.08 3.56
N VAL A 208 -15.33 -17.66 2.36
CA VAL A 208 -16.19 -16.50 2.27
C VAL A 208 -17.60 -16.85 2.75
N GLU A 209 -18.14 -17.98 2.29
CA GLU A 209 -19.48 -18.38 2.72
C GLU A 209 -19.51 -18.72 4.21
N ARG A 210 -18.53 -19.47 4.68
CA ARG A 210 -18.52 -19.90 6.08
C ARG A 210 -18.48 -18.69 7.01
N THR A 211 -17.69 -17.67 6.66
CA THR A 211 -17.66 -16.45 7.47
C THR A 211 -18.87 -15.57 7.24
N PHE A 212 -19.57 -15.73 6.11
CA PHE A 212 -20.73 -14.87 5.87
C PHE A 212 -21.94 -15.32 6.68
N SER A 213 -22.09 -16.61 6.92
CA SER A 213 -23.28 -17.13 7.57
C SER A 213 -23.45 -16.61 8.99
N GLU A 214 -22.39 -16.11 9.62
CA GLU A 214 -22.53 -15.54 10.96
C GLU A 214 -22.90 -14.06 10.92
N ILE A 215 -22.61 -13.38 9.82
CA ILE A 215 -23.01 -11.98 9.69
C ILE A 215 -24.50 -11.86 9.37
N LYS A 216 -25.13 -12.95 8.95
CA LYS A 216 -26.55 -12.91 8.59
C LYS A 216 -27.46 -12.51 9.75
N PRO A 217 -27.33 -13.06 10.96
CA PRO A 217 -28.27 -12.65 12.03
C PRO A 217 -28.25 -11.17 12.35
N LEU A 218 -27.07 -10.54 12.36
CA LEU A 218 -27.00 -9.11 12.63
C LEU A 218 -27.61 -8.30 11.50
N TYR A 219 -27.20 -8.59 10.26
CA TYR A 219 -27.68 -7.81 9.12
C TYR A 219 -29.19 -7.90 8.98
N GLU A 220 -29.76 -9.10 9.13
CA GLU A 220 -31.21 -9.26 9.04
C GLU A 220 -31.94 -8.39 10.04
N GLN A 221 -31.32 -8.04 11.17
CA GLN A 221 -31.97 -7.18 12.15
C GLN A 221 -31.53 -5.73 12.05
N LEU A 222 -30.56 -5.42 11.20
CA LEU A 222 -30.35 -4.03 10.80
C LEU A 222 -31.29 -3.66 9.67
N HIS A 223 -31.35 -4.51 8.64
CA HIS A 223 -32.28 -4.33 7.54
C HIS A 223 -33.70 -4.15 8.05
N ALA A 224 -34.18 -5.07 8.88
CA ALA A 224 -35.54 -5.00 9.39
C ALA A 224 -35.78 -3.74 10.21
N PHE A 225 -34.71 -3.09 10.67
CA PHE A 225 -34.87 -1.79 11.30
C PHE A 225 -35.04 -0.69 10.26
N VAL A 226 -34.10 -0.61 9.32
CA VAL A 226 -34.08 0.51 8.38
C VAL A 226 -35.38 0.58 7.60
N ARG A 227 -35.86 -0.58 7.14
CA ARG A 227 -37.12 -0.64 6.40
C ARG A 227 -38.23 0.10 7.14
N THR A 228 -38.38 -0.16 8.44
CA THR A 228 -39.46 0.48 9.18
C THR A 228 -39.34 2.00 9.11
N LYS A 229 -38.13 2.52 9.26
CA LYS A 229 -37.95 3.97 9.17
C LYS A 229 -38.36 4.48 7.81
N LEU A 230 -38.01 3.76 6.75
CA LEU A 230 -38.39 4.18 5.40
C LEU A 230 -39.90 4.25 5.23
N MET A 231 -40.67 3.49 6.02
CA MET A 231 -42.12 3.56 5.93
C MET A 231 -42.64 4.94 6.28
N ASP A 232 -41.87 5.73 7.04
CA ASP A 232 -42.28 7.11 7.30
C ASP A 232 -42.01 8.01 6.10
N ALA A 233 -40.93 7.73 5.36
CA ALA A 233 -40.57 8.60 4.25
C ALA A 233 -41.53 8.43 3.07
N TYR A 234 -41.86 7.19 2.73
CA TYR A 234 -42.71 6.88 1.59
C TYR A 234 -43.89 6.05 2.11
N PRO A 235 -45.01 6.69 2.42
CA PRO A 235 -46.05 6.03 3.23
C PRO A 235 -46.64 4.78 2.61
N SER A 236 -46.76 4.72 1.28
CA SER A 236 -47.51 3.64 0.65
C SER A 236 -46.70 2.86 -0.37
N ARG A 237 -45.37 2.80 -0.22
CA ARG A 237 -44.54 2.12 -1.20
C ARG A 237 -43.51 1.18 -0.55
N ILE A 238 -43.75 0.76 0.68
CA ILE A 238 -42.89 -0.20 1.36
C ILE A 238 -43.76 -1.30 1.94
N SER A 239 -43.43 -2.56 1.66
CA SER A 239 -44.20 -3.70 2.15
C SER A 239 -43.59 -4.22 3.44
N PRO A 240 -44.37 -4.33 4.51
CA PRO A 240 -43.80 -4.82 5.79
C PRO A 240 -43.27 -6.24 5.73
N THR A 241 -43.68 -7.05 4.77
CA THR A 241 -43.21 -8.42 4.64
C THR A 241 -42.52 -8.63 3.30
N GLY A 242 -41.67 -7.68 2.92
CA GLY A 242 -41.01 -7.74 1.63
C GLY A 242 -39.65 -7.07 1.66
N CYS A 243 -39.04 -6.98 0.48
CA CYS A 243 -37.70 -6.44 0.33
C CYS A 243 -37.79 -4.91 0.20
N LEU A 244 -36.66 -4.29 -0.19
CA LEU A 244 -36.55 -2.86 -0.31
C LEU A 244 -36.26 -2.46 -1.76
N PRO A 245 -36.86 -1.36 -2.24
CA PRO A 245 -36.53 -0.88 -3.58
C PRO A 245 -35.08 -0.42 -3.67
N ALA A 246 -34.52 -0.52 -4.87
CA ALA A 246 -33.09 -0.28 -5.08
C ALA A 246 -32.73 1.19 -5.12
N HIS A 247 -33.68 2.08 -5.35
CA HIS A 247 -33.38 3.50 -5.55
C HIS A 247 -33.75 4.35 -4.34
N LEU A 248 -33.77 3.75 -3.15
CA LEU A 248 -34.09 4.47 -1.93
C LEU A 248 -33.04 4.29 -0.84
N LEU A 249 -31.88 3.73 -1.18
CA LEU A 249 -30.85 3.39 -0.20
C LEU A 249 -29.78 4.47 -0.05
N GLY A 250 -30.00 5.65 -0.63
CA GLY A 250 -29.07 6.75 -0.44
C GLY A 250 -27.84 6.74 -1.32
N ASP A 251 -27.78 5.84 -2.31
CA ASP A 251 -26.64 5.78 -3.22
C ASP A 251 -27.15 5.39 -4.59
N MET A 252 -26.32 5.67 -5.60
CA MET A 252 -26.69 5.33 -6.98
C MET A 252 -26.84 3.82 -7.14
N TRP A 253 -25.97 3.05 -6.49
CA TRP A 253 -25.99 1.60 -6.60
C TRP A 253 -26.46 0.90 -5.33
N GLY A 254 -26.16 1.46 -4.17
CA GLY A 254 -26.44 0.83 -2.91
C GLY A 254 -25.22 0.30 -2.18
N ARG A 255 -24.02 0.71 -2.57
CA ARG A 255 -22.80 0.19 -1.96
C ARG A 255 -22.70 0.56 -0.48
N PHE A 256 -23.09 1.79 -0.14
CA PHE A 256 -23.05 2.27 1.23
C PHE A 256 -24.42 2.74 1.67
N TRP A 257 -24.67 2.64 2.97
CA TRP A 257 -25.92 3.10 3.57
C TRP A 257 -25.73 4.32 4.46
N THR A 258 -24.60 5.03 4.32
CA THR A 258 -24.30 6.11 5.25
C THR A 258 -25.18 7.32 5.07
N ASN A 259 -25.70 7.57 3.86
CA ASN A 259 -26.54 8.74 3.63
C ASN A 259 -27.91 8.60 4.28
N LEU A 260 -28.26 7.43 4.79
CA LEU A 260 -29.54 7.20 5.44
C LEU A 260 -29.51 7.55 6.93
N TYR A 261 -28.38 8.07 7.44
CA TYR A 261 -28.30 8.39 8.85
C TYR A 261 -29.31 9.46 9.24
N SER A 262 -29.40 10.53 8.44
CA SER A 262 -30.29 11.63 8.78
C SER A 262 -31.76 11.21 8.82
N LEU A 263 -32.11 10.10 8.18
CA LEU A 263 -33.47 9.59 8.22
C LEU A 263 -33.69 8.56 9.31
N THR A 264 -32.65 7.82 9.69
CA THR A 264 -32.74 6.77 10.71
C THR A 264 -31.76 7.10 11.84
N VAL A 265 -32.21 7.90 12.78
CA VAL A 265 -31.46 8.22 13.99
C VAL A 265 -32.15 7.55 15.17
N PRO A 266 -31.41 6.92 16.09
CA PRO A 266 -32.07 6.36 17.27
C PRO A 266 -32.62 7.45 18.19
N PHE A 267 -31.79 8.41 18.57
CA PHE A 267 -32.20 9.53 19.43
C PHE A 267 -31.72 10.81 18.76
N GLY A 268 -32.64 11.54 18.13
CA GLY A 268 -32.31 12.74 17.41
C GLY A 268 -32.23 14.01 18.22
N GLN A 269 -32.40 13.91 19.54
CA GLN A 269 -32.38 15.08 20.40
C GLN A 269 -31.01 15.40 20.99
N LYS A 270 -30.01 14.54 20.75
CA LYS A 270 -28.69 14.70 21.35
C LYS A 270 -27.65 15.00 20.27
N PRO A 271 -26.89 16.08 20.41
CA PRO A 271 -25.93 16.45 19.37
C PRO A 271 -24.76 15.48 19.31
N ASN A 272 -24.32 15.20 18.09
CA ASN A 272 -23.23 14.27 17.87
C ASN A 272 -21.91 14.91 18.28
N ILE A 273 -20.89 14.07 18.46
CA ILE A 273 -19.58 14.57 18.87
C ILE A 273 -18.90 15.23 17.68
N ASP A 274 -18.49 16.49 17.86
CA ASP A 274 -17.88 17.27 16.80
C ASP A 274 -17.03 18.35 17.46
N VAL A 275 -15.74 18.36 17.17
CA VAL A 275 -14.81 19.22 17.89
C VAL A 275 -14.08 20.15 16.93
N THR A 276 -14.75 20.57 15.86
CA THR A 276 -14.13 21.51 14.94
C THR A 276 -14.06 22.92 15.50
N ASP A 277 -15.03 23.32 16.34
CA ASP A 277 -15.01 24.66 16.92
C ASP A 277 -13.83 24.83 17.87
N THR A 278 -13.54 23.82 18.68
CA THR A 278 -12.39 23.90 19.58
C THR A 278 -11.06 23.77 18.85
N MET A 279 -11.07 23.29 17.60
CA MET A 279 -9.85 23.27 16.82
C MET A 279 -9.48 24.66 16.33
N VAL A 280 -10.47 25.54 16.15
CA VAL A 280 -10.18 26.91 15.76
C VAL A 280 -10.11 27.85 16.96
N ASN A 281 -10.76 27.50 18.07
CA ASN A 281 -10.63 28.32 19.28
C ASN A 281 -9.21 28.29 19.82
N GLN A 282 -8.57 27.12 19.81
CA GLN A 282 -7.22 26.98 20.31
C GLN A 282 -6.16 27.53 19.37
N GLY A 283 -6.43 27.57 18.06
CA GLY A 283 -5.47 28.09 17.12
C GLY A 283 -4.57 27.06 16.48
N TRP A 284 -5.14 25.94 16.04
CA TRP A 284 -4.38 24.92 15.33
C TRP A 284 -4.15 25.36 13.89
N ASP A 285 -3.27 24.64 13.20
CA ASP A 285 -3.01 24.88 11.78
C ASP A 285 -2.73 23.54 11.11
N ALA A 286 -2.31 23.60 9.85
CA ALA A 286 -2.12 22.37 9.07
C ALA A 286 -1.02 21.51 9.64
N GLU A 287 0.08 22.12 10.10
CA GLU A 287 1.22 21.34 10.56
C GLU A 287 0.96 20.70 11.92
N ARG A 288 0.15 21.32 12.76
CA ARG A 288 -0.04 20.81 14.12
C ARG A 288 -0.81 19.49 14.12
N ILE A 289 -1.70 19.30 13.15
CA ILE A 289 -2.43 18.04 13.05
C ILE A 289 -1.47 16.89 12.78
N PHE A 290 -0.56 17.07 11.83
CA PHE A 290 0.41 16.02 11.53
C PHE A 290 1.41 15.85 12.67
N LYS A 291 1.75 16.94 13.36
CA LYS A 291 2.60 16.79 14.55
C LYS A 291 1.90 15.96 15.63
N GLU A 292 0.61 16.17 15.83
CA GLU A 292 -0.14 15.37 16.79
C GLU A 292 -0.25 13.92 16.36
N ALA A 293 -0.37 13.66 15.06
CA ALA A 293 -0.35 12.28 14.58
C ALA A 293 1.01 11.64 14.87
N GLU A 294 2.10 12.37 14.64
CA GLU A 294 3.43 11.85 14.89
C GLU A 294 3.63 11.54 16.37
N LYS A 295 3.14 12.42 17.24
CA LYS A 295 3.24 12.16 18.68
C LYS A 295 2.50 10.89 19.07
N PHE A 296 1.29 10.69 18.54
CA PHE A 296 0.55 9.47 18.82
C PHE A 296 1.31 8.25 18.35
N PHE A 297 1.90 8.32 17.15
CA PHE A 297 2.61 7.17 16.62
C PHE A 297 3.87 6.86 17.43
N VAL A 298 4.60 7.89 17.88
CA VAL A 298 5.80 7.63 18.66
C VAL A 298 5.45 7.18 20.07
N SER A 299 4.23 7.49 20.53
CA SER A 299 3.80 7.03 21.84
C SER A 299 3.75 5.51 21.92
N VAL A 300 3.24 4.87 20.87
CA VAL A 300 3.00 3.43 20.94
C VAL A 300 4.27 2.61 20.82
N GLY A 301 5.34 3.18 20.25
CA GLY A 301 6.59 2.45 20.14
C GLY A 301 7.05 2.22 18.72
N LEU A 302 6.71 3.14 17.83
CA LEU A 302 7.06 3.11 16.42
C LEU A 302 8.07 4.20 16.09
N PRO A 303 8.84 4.06 15.02
CA PRO A 303 9.81 5.11 14.67
C PRO A 303 9.13 6.39 14.22
N SER A 304 9.82 7.50 14.43
CA SER A 304 9.33 8.80 14.00
C SER A 304 9.69 9.05 12.55
N MET A 305 9.21 10.19 12.03
CA MET A 305 9.39 10.50 10.63
C MET A 305 10.80 11.01 10.34
N THR A 306 11.19 10.89 9.07
CA THR A 306 12.51 11.32 8.64
C THR A 306 12.58 12.84 8.57
N GLN A 307 13.81 13.36 8.49
CA GLN A 307 14.00 14.79 8.37
C GLN A 307 13.49 15.32 7.03
N GLY A 308 13.65 14.53 5.97
CA GLY A 308 13.21 14.95 4.66
C GLY A 308 11.71 14.91 4.44
N PHE A 309 10.99 14.12 5.23
CA PHE A 309 9.55 14.00 5.05
C PHE A 309 8.85 15.35 5.20
N TRP A 310 9.30 16.16 6.15
CA TRP A 310 8.73 17.49 6.34
C TRP A 310 9.12 18.45 5.23
N GLU A 311 10.21 18.20 4.52
CA GLU A 311 10.73 19.13 3.52
C GLU A 311 10.12 18.91 2.15
N ASN A 312 9.77 17.68 1.80
CA ASN A 312 9.30 17.38 0.46
C ASN A 312 7.78 17.26 0.38
N SER A 313 7.12 16.85 1.45
CA SER A 313 5.69 16.59 1.42
C SER A 313 4.91 17.89 1.24
N MET A 314 3.76 17.77 0.58
CA MET A 314 2.86 18.89 0.36
C MET A 314 1.65 18.72 1.28
N LEU A 315 1.69 19.39 2.43
CA LEU A 315 0.64 19.27 3.42
C LEU A 315 -0.46 20.30 3.24
N THR A 316 -0.33 21.22 2.29
CA THR A 316 -1.31 22.28 2.09
C THR A 316 -1.44 22.59 0.60
N GLU A 317 -2.56 23.20 0.25
CA GLU A 317 -2.79 23.57 -1.15
C GLU A 317 -1.90 24.75 -1.52
N PRO A 318 -1.08 24.64 -2.57
CA PRO A 318 -0.16 25.72 -2.90
C PRO A 318 -0.89 26.99 -3.34
N GLY A 319 -0.28 28.12 -3.02
CA GLY A 319 -0.82 29.42 -3.34
C GLY A 319 -0.10 30.18 -4.43
N ASP A 320 0.70 29.51 -5.25
CA ASP A 320 1.45 30.16 -6.31
C ASP A 320 0.83 29.99 -7.69
N GLY A 321 -0.43 29.54 -7.75
CA GLY A 321 -1.09 29.36 -9.02
C GLY A 321 -0.92 28.00 -9.66
N ARG A 322 -0.55 26.99 -8.88
CA ARG A 322 -0.38 25.64 -9.41
C ARG A 322 -1.61 24.80 -9.11
N LYS A 323 -2.12 24.11 -10.13
CA LYS A 323 -3.31 23.28 -9.99
C LYS A 323 -2.89 21.87 -9.61
N VAL A 324 -3.58 21.29 -8.64
CA VAL A 324 -3.22 19.99 -8.09
C VAL A 324 -4.39 19.03 -8.27
N VAL A 325 -4.11 17.74 -8.08
CA VAL A 325 -5.18 16.75 -8.04
C VAL A 325 -5.98 16.89 -6.74
N CYS A 326 -5.29 17.15 -5.64
CA CYS A 326 -5.89 17.44 -4.33
C CYS A 326 -6.75 16.27 -3.86
N HIS A 327 -6.07 15.14 -3.62
CA HIS A 327 -6.69 13.93 -3.13
C HIS A 327 -5.67 13.31 -2.19
N PRO A 328 -6.08 12.84 -1.01
CA PRO A 328 -5.10 12.34 -0.02
C PRO A 328 -4.48 11.03 -0.49
N THR A 329 -3.16 11.05 -0.67
CA THR A 329 -2.40 9.89 -1.08
C THR A 329 -1.11 9.82 -0.29
N ALA A 330 -0.61 8.59 -0.11
CA ALA A 330 0.67 8.34 0.53
C ALA A 330 1.61 7.71 -0.49
N TRP A 331 2.77 8.32 -0.69
CA TRP A 331 3.70 7.94 -1.74
C TRP A 331 4.98 7.41 -1.13
N ASP A 332 5.44 6.27 -1.62
CA ASP A 332 6.71 5.66 -1.23
C ASP A 332 7.57 5.62 -2.49
N LEU A 333 8.33 6.69 -2.72
CA LEU A 333 9.10 6.80 -3.95
C LEU A 333 10.26 5.82 -3.98
N GLY A 334 10.63 5.25 -2.85
CA GLY A 334 11.75 4.33 -2.76
C GLY A 334 13.04 5.04 -2.35
N LYS A 335 13.99 4.23 -1.93
CA LYS A 335 15.31 4.72 -1.48
C LYS A 335 15.17 5.75 -0.37
N GLY A 336 14.33 5.45 0.61
CA GLY A 336 14.19 6.31 1.76
C GLY A 336 13.42 7.58 1.55
N ASP A 337 12.56 7.62 0.54
CA ASP A 337 11.77 8.81 0.22
C ASP A 337 10.29 8.49 0.41
N PHE A 338 9.68 9.09 1.42
CA PHE A 338 8.26 8.93 1.70
C PHE A 338 7.60 10.30 1.79
N ARG A 339 6.41 10.43 1.19
CA ARG A 339 5.71 11.70 1.13
C ARG A 339 4.23 11.48 1.31
N ILE A 340 3.52 12.54 1.70
CA ILE A 340 2.07 12.54 1.84
C ILE A 340 1.52 13.76 1.13
N LYS A 341 0.51 13.56 0.29
CA LYS A 341 -0.07 14.64 -0.51
C LYS A 341 -1.56 14.73 -0.22
N MET A 342 -1.98 15.85 0.38
CA MET A 342 -3.38 16.07 0.68
C MET A 342 -3.61 17.55 0.93
N CYS A 343 -4.86 17.97 0.76
CA CYS A 343 -5.29 19.34 1.03
C CYS A 343 -5.87 19.36 2.44
N THR A 344 -5.01 19.58 3.42
CA THR A 344 -5.44 19.57 4.81
C THR A 344 -6.29 20.79 5.13
N LYS A 345 -7.33 20.57 5.93
CA LYS A 345 -8.15 21.62 6.49
C LYS A 345 -8.21 21.45 8.00
N VAL A 346 -9.07 22.22 8.65
CA VAL A 346 -9.14 22.21 10.11
C VAL A 346 -10.35 21.40 10.57
N THR A 347 -10.87 20.56 9.68
CA THR A 347 -12.04 19.76 10.01
C THR A 347 -11.63 18.46 10.70
N MET A 348 -12.56 17.87 11.46
CA MET A 348 -12.28 16.63 12.17
C MET A 348 -12.00 15.48 11.21
N ASP A 349 -12.70 15.44 10.09
CA ASP A 349 -12.47 14.38 9.11
C ASP A 349 -11.04 14.40 8.60
N ASN A 350 -10.48 15.60 8.39
CA ASN A 350 -9.08 15.70 8.02
C ASN A 350 -8.18 15.22 9.14
N PHE A 351 -8.56 15.48 10.39
CA PHE A 351 -7.77 15.02 11.52
C PHE A 351 -7.69 13.50 11.56
N LEU A 352 -8.78 12.82 11.20
CA LEU A 352 -8.75 11.36 11.12
C LEU A 352 -8.00 10.87 9.89
N THR A 353 -8.18 11.55 8.75
CA THR A 353 -7.53 11.14 7.52
C THR A 353 -6.02 11.27 7.62
N ALA A 354 -5.53 12.22 8.40
CA ALA A 354 -4.09 12.32 8.63
C ALA A 354 -3.55 11.03 9.23
N HIS A 355 -4.21 10.51 10.26
CA HIS A 355 -3.77 9.25 10.86
C HIS A 355 -3.90 8.10 9.88
N HIS A 356 -5.00 8.06 9.13
CA HIS A 356 -5.20 6.96 8.19
C HIS A 356 -4.08 6.92 7.15
N GLU A 357 -3.70 8.08 6.62
CA GLU A 357 -2.65 8.11 5.59
C GLU A 357 -1.27 7.92 6.20
N MET A 358 -1.09 8.34 7.45
CA MET A 358 0.22 8.17 8.08
C MET A 358 0.47 6.72 8.46
N GLY A 359 -0.61 5.94 8.61
CA GLY A 359 -0.42 4.50 8.82
C GLY A 359 0.27 3.81 7.65
N HIS A 360 -0.07 4.21 6.41
CA HIS A 360 0.60 3.66 5.25
C HIS A 360 2.09 3.93 5.27
N ILE A 361 2.48 5.14 5.69
CA ILE A 361 3.89 5.50 5.73
C ILE A 361 4.65 4.60 6.70
N GLN A 362 4.07 4.36 7.88
CA GLN A 362 4.71 3.46 8.83
C GLN A 362 4.81 2.05 8.28
N TYR A 363 3.75 1.57 7.64
CA TYR A 363 3.78 0.23 7.06
C TYR A 363 4.88 0.11 6.02
N ASP A 364 5.02 1.11 5.15
CA ASP A 364 6.07 1.09 4.14
C ASP A 364 7.46 1.20 4.76
N MET A 365 7.60 2.03 5.79
CA MET A 365 8.87 2.17 6.49
C MET A 365 9.31 0.90 7.20
N ALA A 366 8.37 0.05 7.59
CA ALA A 366 8.70 -1.18 8.30
C ALA A 366 9.55 -2.14 7.47
N TYR A 367 9.22 -2.33 6.19
CA TYR A 367 9.89 -3.32 5.37
C TYR A 367 10.80 -2.71 4.31
N ALA A 368 11.39 -1.55 4.57
CA ALA A 368 12.28 -0.94 3.59
C ALA A 368 13.56 -1.76 3.38
N THR A 369 13.91 -2.64 4.32
CA THR A 369 15.12 -3.44 4.20
C THR A 369 14.93 -4.72 3.40
N GLN A 370 13.70 -5.09 3.09
CA GLN A 370 13.44 -6.31 2.34
C GLN A 370 13.83 -6.12 0.87
N PRO A 371 14.02 -7.23 0.14
CA PRO A 371 14.33 -7.11 -1.29
C PRO A 371 13.19 -6.45 -2.06
N PHE A 372 13.53 -5.95 -3.25
CA PHE A 372 12.62 -5.07 -3.98
C PHE A 372 11.32 -5.77 -4.37
N LEU A 373 11.39 -7.02 -4.82
CA LEU A 373 10.22 -7.70 -5.35
C LEU A 373 9.24 -8.13 -4.26
N LEU A 374 9.61 -8.02 -2.98
CA LEU A 374 8.74 -8.42 -1.88
C LEU A 374 8.37 -7.23 -1.00
N ARG A 375 8.35 -6.03 -1.57
CA ARG A 375 7.99 -4.82 -0.82
C ARG A 375 6.52 -4.49 -1.09
N ASN A 376 5.65 -5.32 -0.50
CA ASN A 376 4.20 -5.15 -0.60
C ASN A 376 3.58 -5.87 0.58
N GLY A 377 2.29 -5.64 0.79
CA GLY A 377 1.58 -6.30 1.87
C GLY A 377 1.43 -7.78 1.61
N ALA A 378 1.18 -8.53 2.68
CA ALA A 378 1.08 -9.98 2.55
C ALA A 378 -0.02 -10.37 1.57
N ASN A 379 -1.19 -9.72 1.67
CA ASN A 379 -2.22 -9.84 0.67
C ASN A 379 -2.80 -8.46 0.42
N GLU A 380 -3.71 -8.36 -0.55
CA GLU A 380 -4.23 -7.05 -0.91
C GLU A 380 -5.05 -6.44 0.21
N GLY A 381 -5.40 -7.22 1.22
CA GLY A 381 -6.27 -6.76 2.28
C GLY A 381 -5.62 -6.24 3.55
N PHE A 382 -4.29 -6.18 3.63
CA PHE A 382 -3.66 -5.66 4.84
C PHE A 382 -3.26 -4.19 4.75
N HIS A 383 -2.91 -3.69 3.57
CA HIS A 383 -2.29 -2.38 3.51
C HIS A 383 -3.27 -1.28 3.87
N GLU A 384 -4.56 -1.50 3.61
CA GLU A 384 -5.59 -0.57 4.05
C GLU A 384 -6.14 -0.89 5.43
N ALA A 385 -6.12 -2.17 5.84
CA ALA A 385 -6.62 -2.55 7.16
C ALA A 385 -5.70 -2.10 8.29
N VAL A 386 -4.39 -2.04 8.04
CA VAL A 386 -3.47 -1.56 9.05
C VAL A 386 -3.72 -0.09 9.37
N GLY A 387 -4.01 0.71 8.35
CA GLY A 387 -4.19 2.13 8.57
C GLY A 387 -5.53 2.52 9.18
N GLU A 388 -6.55 1.67 9.04
CA GLU A 388 -7.87 2.04 9.52
C GLU A 388 -8.01 1.89 11.02
N ILE A 389 -7.26 0.97 11.63
CA ILE A 389 -7.33 0.82 13.08
C ILE A 389 -6.81 2.07 13.78
N MET A 390 -5.84 2.76 13.19
CA MET A 390 -5.37 4.01 13.77
C MET A 390 -6.47 5.06 13.78
N SER A 391 -7.23 5.16 12.69
CA SER A 391 -8.36 6.07 12.65
C SER A 391 -9.43 5.68 13.66
N LEU A 392 -9.67 4.38 13.83
CA LEU A 392 -10.62 3.94 14.84
C LEU A 392 -10.17 4.33 16.25
N SER A 393 -8.88 4.17 16.54
CA SER A 393 -8.37 4.48 17.86
C SER A 393 -8.19 5.97 18.13
N ALA A 394 -8.12 6.79 17.08
CA ALA A 394 -7.92 8.22 17.27
C ALA A 394 -9.22 9.01 17.36
N ALA A 395 -10.36 8.35 17.24
CA ALA A 395 -11.66 9.02 17.28
C ALA A 395 -12.44 8.75 18.57
N THR A 396 -11.81 8.11 19.55
CA THR A 396 -12.48 7.84 20.82
C THR A 396 -12.51 9.09 21.67
N PRO A 397 -13.54 9.26 22.51
CA PRO A 397 -13.60 10.46 23.36
C PRO A 397 -12.41 10.61 24.31
N GLU A 398 -11.86 9.49 24.80
CA GLU A 398 -10.76 9.58 25.75
C GLU A 398 -9.51 10.20 25.12
N HIS A 399 -9.17 9.79 23.90
CA HIS A 399 -7.98 10.33 23.25
C HIS A 399 -8.14 11.81 22.97
N LEU A 400 -9.33 12.21 22.49
CA LEU A 400 -9.60 13.61 22.25
C LEU A 400 -9.52 14.42 23.53
N LYS A 401 -10.05 13.89 24.64
CA LYS A 401 -9.95 14.58 25.92
C LYS A 401 -8.49 14.73 26.35
N SER A 402 -7.69 13.69 26.14
CA SER A 402 -6.28 13.75 26.51
C SER A 402 -5.54 14.79 25.68
N ILE A 403 -5.82 14.88 24.38
CA ILE A 403 -5.11 15.85 23.55
C ILE A 403 -5.40 17.27 24.02
N GLY A 404 -6.67 17.57 24.31
CA GLY A 404 -7.02 18.88 24.82
C GLY A 404 -8.26 19.49 24.19
N LEU A 405 -8.93 18.73 23.33
CA LEU A 405 -10.09 19.26 22.63
C LEU A 405 -11.37 19.17 23.46
N LEU A 406 -11.38 18.39 24.53
CA LEU A 406 -12.58 18.21 25.35
C LEU A 406 -12.26 18.41 26.81
N PRO A 407 -13.22 18.87 27.60
CA PRO A 407 -13.03 18.98 29.05
C PRO A 407 -13.30 17.64 29.72
N TYR A 408 -13.09 17.63 31.05
CA TYR A 408 -13.41 16.44 31.84
C TYR A 408 -14.91 16.30 32.08
N ASP A 409 -15.65 17.41 32.06
CA ASP A 409 -17.08 17.37 32.34
C ASP A 409 -17.88 16.64 31.27
N PHE A 410 -17.28 16.37 30.12
CA PHE A 410 -17.96 15.57 29.10
C PHE A 410 -18.05 14.13 29.55
N HIS A 411 -19.26 13.69 29.85
CA HIS A 411 -19.52 12.32 30.27
C HIS A 411 -20.17 11.55 29.12
N GLU A 412 -19.65 10.36 28.85
CA GLU A 412 -20.23 9.51 27.82
C GLU A 412 -21.62 9.07 28.25
N ASP A 413 -22.46 8.78 27.27
CA ASP A 413 -23.85 8.42 27.51
C ASP A 413 -24.23 7.16 26.74
N ASN A 414 -25.31 6.52 27.19
CA ASN A 414 -25.82 5.34 26.49
C ASN A 414 -26.32 5.72 25.09
N GLU A 415 -27.09 6.80 25.00
CA GLU A 415 -27.71 7.16 23.74
C GLU A 415 -26.68 7.56 22.69
N THR A 416 -25.65 8.31 23.10
CA THR A 416 -24.60 8.65 22.16
C THR A 416 -23.80 7.43 21.73
N GLU A 417 -23.60 6.46 22.63
CA GLU A 417 -22.98 5.20 22.25
C GLU A 417 -23.78 4.50 21.18
N ILE A 418 -25.11 4.43 21.36
CA ILE A 418 -25.96 3.78 20.37
C ILE A 418 -25.89 4.52 19.04
N ASN A 419 -25.90 5.86 19.08
CA ASN A 419 -25.84 6.63 17.85
C ASN A 419 -24.55 6.37 17.10
N PHE A 420 -23.42 6.40 17.80
CA PHE A 420 -22.13 6.17 17.15
C PHE A 420 -22.05 4.76 16.59
N LEU A 421 -22.53 3.77 17.33
CA LEU A 421 -22.49 2.40 16.84
C LEU A 421 -23.35 2.23 15.60
N LEU A 422 -24.54 2.84 15.57
CA LEU A 422 -25.40 2.71 14.39
C LEU A 422 -24.78 3.38 13.18
N LYS A 423 -24.17 4.56 13.39
CA LYS A 423 -23.51 5.23 12.27
C LYS A 423 -22.35 4.38 11.72
N GLN A 424 -21.58 3.75 12.61
CA GLN A 424 -20.53 2.86 12.14
C GLN A 424 -21.09 1.65 11.40
N ALA A 425 -22.17 1.06 11.93
CA ALA A 425 -22.75 -0.14 11.34
C ALA A 425 -23.28 0.12 9.94
N LEU A 426 -23.97 1.25 9.74
CA LEU A 426 -24.52 1.53 8.42
C LEU A 426 -23.43 1.55 7.36
N THR A 427 -22.26 2.10 7.69
CA THR A 427 -21.16 2.16 6.73
C THR A 427 -20.46 0.82 6.57
N ILE A 428 -20.27 0.07 7.65
CA ILE A 428 -19.42 -1.12 7.63
C ILE A 428 -20.19 -2.39 7.29
N VAL A 429 -21.25 -2.69 8.04
CA VAL A 429 -21.96 -3.96 7.85
C VAL A 429 -22.82 -3.93 6.59
N GLY A 430 -23.27 -2.75 6.16
CA GLY A 430 -24.18 -2.68 5.03
C GLY A 430 -23.56 -2.86 3.67
N THR A 431 -22.24 -3.01 3.60
CA THR A 431 -21.57 -3.19 2.32
C THR A 431 -21.14 -4.63 2.06
N LEU A 432 -21.10 -5.46 3.09
CA LEU A 432 -20.62 -6.84 2.90
C LEU A 432 -21.51 -7.66 1.97
N PRO A 433 -22.84 -7.70 2.13
CA PRO A 433 -23.64 -8.50 1.19
C PRO A 433 -23.52 -8.04 -0.25
N PHE A 434 -23.43 -6.73 -0.49
CA PHE A 434 -23.28 -6.22 -1.85
C PHE A 434 -21.99 -6.72 -2.49
N THR A 435 -20.88 -6.59 -1.78
CA THR A 435 -19.60 -7.04 -2.28
C THR A 435 -19.60 -8.54 -2.53
N TYR A 436 -20.12 -9.31 -1.58
CA TYR A 436 -20.12 -10.76 -1.70
C TYR A 436 -20.96 -11.21 -2.90
N MET A 437 -22.14 -10.63 -3.07
CA MET A 437 -23.00 -10.98 -4.19
C MET A 437 -22.36 -10.62 -5.53
N LEU A 438 -21.78 -9.42 -5.62
CA LEU A 438 -21.17 -9.01 -6.89
C LEU A 438 -20.00 -9.92 -7.25
N GLU A 439 -19.14 -10.22 -6.28
CA GLU A 439 -17.99 -11.07 -6.58
C GLU A 439 -18.42 -12.48 -6.94
N LYS A 440 -19.43 -13.01 -6.26
CA LYS A 440 -19.91 -14.35 -6.59
C LYS A 440 -20.51 -14.38 -7.99
N TRP A 441 -21.25 -13.35 -8.36
CA TRP A 441 -21.82 -13.29 -9.71
C TRP A 441 -20.73 -13.26 -10.77
N ARG A 442 -19.70 -12.44 -10.55
CA ARG A 442 -18.61 -12.40 -11.53
C ARG A 442 -17.86 -13.74 -11.60
N TRP A 443 -17.65 -14.39 -10.45
CA TRP A 443 -16.98 -15.69 -10.46
C TRP A 443 -17.79 -16.71 -11.25
N MET A 444 -19.11 -16.73 -11.06
CA MET A 444 -19.94 -17.69 -11.76
C MET A 444 -20.20 -17.32 -13.21
N VAL A 445 -19.94 -16.08 -13.62
CA VAL A 445 -20.09 -15.75 -15.03
C VAL A 445 -18.78 -15.96 -15.81
N PHE A 446 -17.62 -15.83 -15.16
CA PHE A 446 -16.37 -16.15 -15.86
C PHE A 446 -16.31 -17.63 -16.24
N LYS A 447 -16.74 -18.51 -15.34
CA LYS A 447 -16.68 -19.94 -15.65
C LYS A 447 -17.67 -20.36 -16.72
N GLY A 448 -18.58 -19.48 -17.12
CA GLY A 448 -19.58 -19.84 -18.10
C GLY A 448 -20.75 -20.62 -17.56
N GLU A 449 -20.93 -20.64 -16.23
CA GLU A 449 -22.06 -21.35 -15.64
C GLU A 449 -23.38 -20.75 -16.09
N ILE A 450 -23.46 -19.43 -16.16
CA ILE A 450 -24.67 -18.73 -16.57
C ILE A 450 -24.48 -18.31 -18.03
N PRO A 451 -25.25 -18.86 -18.97
CA PRO A 451 -25.11 -18.46 -20.37
C PRO A 451 -25.51 -17.01 -20.58
N LYS A 452 -25.25 -16.52 -21.79
CA LYS A 452 -25.51 -15.12 -22.11
C LYS A 452 -26.98 -14.79 -22.18
N GLU A 453 -27.86 -15.78 -22.05
CA GLU A 453 -29.30 -15.56 -22.11
C GLU A 453 -29.96 -15.58 -20.74
N GLN A 454 -29.19 -15.65 -19.65
CA GLN A 454 -29.76 -15.70 -18.31
C GLN A 454 -28.97 -14.84 -17.33
N TRP A 455 -28.37 -13.75 -17.80
CA TRP A 455 -27.54 -12.93 -16.92
C TRP A 455 -28.39 -12.10 -15.96
N MET A 456 -29.25 -11.23 -16.50
CA MET A 456 -30.03 -10.34 -15.64
C MET A 456 -31.00 -11.12 -14.76
N GLN A 457 -31.54 -12.22 -15.26
CA GLN A 457 -32.44 -13.03 -14.45
C GLN A 457 -31.76 -13.51 -13.18
N LYS A 458 -30.59 -14.13 -13.31
CA LYS A 458 -29.85 -14.57 -12.13
C LYS A 458 -29.39 -13.40 -11.28
N TRP A 459 -29.00 -12.28 -11.89
CA TRP A 459 -28.55 -11.13 -11.13
C TRP A 459 -29.64 -10.63 -10.19
N TRP A 460 -30.83 -10.36 -10.74
CA TRP A 460 -31.92 -9.86 -9.92
C TRP A 460 -32.55 -10.94 -9.05
N GLU A 461 -32.33 -12.22 -9.35
CA GLU A 461 -32.77 -13.26 -8.42
C GLU A 461 -31.86 -13.34 -7.21
N MET A 462 -30.55 -13.22 -7.41
CA MET A 462 -29.63 -13.25 -6.28
C MET A 462 -29.66 -11.94 -5.49
N LYS A 463 -30.08 -10.85 -6.13
CA LYS A 463 -30.23 -9.60 -5.38
C LYS A 463 -31.25 -9.74 -4.27
N ARG A 464 -32.36 -10.45 -4.53
CA ARG A 464 -33.40 -10.60 -3.52
C ARG A 464 -32.97 -11.53 -2.40
N GLU A 465 -32.29 -12.63 -2.72
CA GLU A 465 -31.98 -13.66 -1.74
C GLU A 465 -30.86 -13.28 -0.79
N ILE A 466 -29.81 -12.62 -1.27
CA ILE A 466 -28.66 -12.29 -0.43
C ILE A 466 -28.81 -10.92 0.22
N VAL A 467 -29.17 -9.90 -0.57
CA VAL A 467 -29.20 -8.55 -0.06
C VAL A 467 -30.60 -8.11 0.39
N GLY A 468 -31.65 -8.65 -0.22
CA GLY A 468 -33.00 -8.22 0.11
C GLY A 468 -33.40 -6.92 -0.55
N VAL A 469 -33.06 -6.75 -1.82
CA VAL A 469 -33.38 -5.55 -2.58
C VAL A 469 -34.08 -5.96 -3.86
N VAL A 470 -35.18 -5.30 -4.18
CA VAL A 470 -36.02 -5.64 -5.32
C VAL A 470 -35.97 -4.51 -6.34
N GLU A 471 -35.92 -4.88 -7.62
CA GLU A 471 -35.82 -3.88 -8.67
C GLU A 471 -37.10 -3.07 -8.78
N PRO A 472 -37.00 -1.81 -9.15
CA PRO A 472 -38.20 -0.97 -9.24
C PRO A 472 -38.94 -1.14 -10.57
N MET A 473 -38.21 -1.49 -11.62
CA MET A 473 -38.80 -1.71 -12.93
C MET A 473 -38.24 -2.98 -13.55
N PRO A 474 -39.02 -3.69 -14.37
CA PRO A 474 -38.52 -4.93 -14.97
C PRO A 474 -37.42 -4.65 -15.98
N HIS A 475 -36.50 -5.60 -16.10
CA HIS A 475 -35.36 -5.50 -17.01
C HIS A 475 -35.24 -6.78 -17.81
N ASP A 476 -35.14 -6.67 -19.13
CA ASP A 476 -34.94 -7.81 -19.99
C ASP A 476 -33.45 -8.03 -20.21
N GLU A 477 -33.11 -8.90 -21.15
CA GLU A 477 -31.70 -9.26 -21.35
C GLU A 477 -30.92 -8.20 -22.10
N THR A 478 -31.58 -7.19 -22.66
CA THR A 478 -30.86 -6.13 -23.35
C THR A 478 -30.05 -5.27 -22.37
N TYR A 479 -30.57 -5.08 -21.16
CA TYR A 479 -29.87 -4.28 -20.16
C TYR A 479 -28.67 -5.04 -19.60
N CYS A 480 -27.78 -4.28 -18.94
CA CYS A 480 -26.64 -4.86 -18.23
C CYS A 480 -26.37 -3.96 -17.02
N ASP A 481 -26.95 -4.31 -15.88
CA ASP A 481 -26.86 -3.51 -14.68
C ASP A 481 -25.53 -3.64 -13.95
N PRO A 482 -24.94 -4.84 -13.84
CA PRO A 482 -23.63 -4.92 -13.14
C PRO A 482 -22.57 -4.02 -13.75
N ALA A 483 -22.62 -3.78 -15.06
CA ALA A 483 -21.62 -2.94 -15.71
C ALA A 483 -21.68 -1.49 -15.28
N ALA A 484 -22.74 -1.08 -14.57
CA ALA A 484 -22.90 0.32 -14.18
C ALA A 484 -21.90 0.75 -13.11
N LEU A 485 -21.27 -0.18 -12.40
CA LEU A 485 -20.32 0.18 -11.36
C LEU A 485 -18.98 0.57 -11.97
N PHE A 486 -18.16 1.26 -11.16
CA PHE A 486 -16.85 1.69 -11.63
C PHE A 486 -15.91 0.50 -11.80
N HIS A 487 -16.01 -0.49 -10.92
CA HIS A 487 -15.06 -1.59 -10.90
C HIS A 487 -15.42 -2.72 -11.85
N VAL A 488 -16.55 -2.63 -12.56
CA VAL A 488 -16.93 -3.62 -13.55
C VAL A 488 -16.65 -3.13 -14.97
N ALA A 489 -16.95 -1.86 -15.24
CA ALA A 489 -16.57 -1.28 -16.52
C ALA A 489 -15.06 -1.22 -16.68
N ASN A 490 -14.35 -0.87 -15.61
CA ASN A 490 -12.90 -0.92 -15.56
C ASN A 490 -12.48 -2.12 -14.73
N ASP A 491 -11.55 -2.92 -15.25
CA ASP A 491 -11.17 -4.18 -14.63
C ASP A 491 -10.48 -3.93 -13.30
N TYR A 492 -11.15 -4.33 -12.21
CA TYR A 492 -10.59 -4.22 -10.86
C TYR A 492 -11.16 -5.33 -10.00
N SER A 493 -10.31 -5.88 -9.14
CA SER A 493 -10.76 -6.89 -8.18
C SER A 493 -11.66 -6.25 -7.14
N PHE A 494 -12.61 -7.04 -6.62
CA PHE A 494 -13.60 -6.53 -5.68
C PHE A 494 -13.68 -7.31 -4.37
N ILE A 495 -12.82 -8.32 -4.17
CA ILE A 495 -12.89 -9.12 -2.95
C ILE A 495 -12.06 -8.57 -1.81
N ARG A 496 -11.19 -7.59 -2.08
CA ARG A 496 -10.36 -7.03 -1.01
C ARG A 496 -11.19 -6.32 0.05
N TYR A 497 -12.30 -5.70 -0.34
CA TYR A 497 -13.11 -4.95 0.61
C TYR A 497 -13.85 -5.86 1.58
N TYR A 498 -14.11 -7.11 1.19
CA TYR A 498 -14.72 -8.06 2.11
C TYR A 498 -13.74 -8.52 3.17
N THR A 499 -12.50 -8.82 2.78
CA THR A 499 -11.52 -9.33 3.73
C THR A 499 -10.95 -8.23 4.62
N ARG A 500 -10.86 -7.00 4.11
CA ARG A 500 -10.29 -5.92 4.89
C ARG A 500 -11.09 -5.66 6.17
N THR A 501 -12.43 -5.74 6.07
CA THR A 501 -13.27 -5.49 7.23
C THR A 501 -13.01 -6.52 8.33
N ILE A 502 -12.89 -7.79 7.95
CA ILE A 502 -12.63 -8.83 8.95
C ILE A 502 -11.26 -8.63 9.57
N TYR A 503 -10.25 -8.32 8.75
CA TYR A 503 -8.89 -8.16 9.27
C TYR A 503 -8.79 -6.99 10.23
N GLN A 504 -9.45 -5.86 9.92
CA GLN A 504 -9.29 -4.67 10.76
C GLN A 504 -9.89 -4.86 12.15
N PHE A 505 -10.84 -5.76 12.30
CA PHE A 505 -11.43 -6.03 13.61
C PHE A 505 -10.70 -7.14 14.35
N GLN A 506 -10.19 -8.16 13.64
CA GLN A 506 -9.30 -9.10 14.30
C GLN A 506 -8.09 -8.40 14.90
N PHE A 507 -7.46 -7.50 14.12
CA PHE A 507 -6.32 -6.76 14.63
C PHE A 507 -6.69 -5.89 15.82
N GLN A 508 -7.83 -5.21 15.73
CA GLN A 508 -8.24 -4.33 16.83
C GLN A 508 -8.46 -5.12 18.11
N GLU A 509 -9.14 -6.27 18.01
CA GLU A 509 -9.37 -7.09 19.20
C GLU A 509 -8.07 -7.59 19.78
N ALA A 510 -7.15 -8.06 18.93
CA ALA A 510 -5.88 -8.58 19.44
C ALA A 510 -5.07 -7.48 20.14
N LEU A 511 -4.99 -6.30 19.53
CA LEU A 511 -4.24 -5.21 20.13
C LEU A 511 -4.90 -4.74 21.42
N CYS A 512 -6.23 -4.67 21.45
CA CYS A 512 -6.93 -4.25 22.66
C CYS A 512 -6.67 -5.22 23.80
N GLN A 513 -6.72 -6.52 23.52
CA GLN A 513 -6.38 -7.49 24.54
C GLN A 513 -4.93 -7.38 24.97
N ALA A 514 -4.04 -6.97 24.05
CA ALA A 514 -2.64 -6.82 24.40
C ALA A 514 -2.40 -5.69 25.39
N ALA A 515 -3.21 -4.64 25.34
CA ALA A 515 -2.97 -3.42 26.13
C ALA A 515 -3.66 -3.44 27.48
N GLN A 516 -4.28 -4.56 27.86
CA GLN A 516 -4.98 -4.70 29.14
C GLN A 516 -6.09 -3.65 29.27
N HIS A 517 -7.08 -3.79 28.38
CA HIS A 517 -8.23 -2.92 28.33
C HIS A 517 -9.47 -3.66 28.82
N GLU A 518 -10.23 -3.01 29.70
CA GLU A 518 -11.46 -3.57 30.24
C GLU A 518 -12.63 -2.72 29.77
N GLY A 519 -13.70 -3.38 29.33
CA GLY A 519 -14.88 -2.69 28.89
C GLY A 519 -15.23 -3.00 27.45
N PRO A 520 -16.24 -2.30 26.92
CA PRO A 520 -16.61 -2.49 25.52
C PRO A 520 -15.44 -2.25 24.58
N LEU A 521 -15.38 -3.04 23.51
CA LEU A 521 -14.27 -2.96 22.58
C LEU A 521 -14.25 -1.62 21.84
N HIS A 522 -15.42 -1.01 21.63
CA HIS A 522 -15.50 0.17 20.77
C HIS A 522 -14.86 1.40 21.40
N LYS A 523 -14.54 1.38 22.68
CA LYS A 523 -13.85 2.49 23.32
C LYS A 523 -12.41 2.15 23.66
N CYS A 524 -11.76 1.32 22.85
CA CYS A 524 -10.37 0.97 23.08
C CYS A 524 -9.45 2.09 22.62
N ASP A 525 -8.31 2.22 23.30
CA ASP A 525 -7.31 3.22 22.96
C ASP A 525 -5.94 2.62 23.22
N ILE A 526 -5.10 2.59 22.19
CA ILE A 526 -3.79 1.97 22.27
C ILE A 526 -2.70 3.01 22.51
N SER A 527 -3.07 4.19 23.00
CA SER A 527 -2.08 5.23 23.26
C SER A 527 -1.28 4.89 24.52
N ASN A 528 0.03 5.13 24.46
CA ASN A 528 0.95 4.87 25.57
C ASN A 528 0.89 3.41 26.02
N SER A 529 0.94 2.50 25.05
CA SER A 529 1.04 1.07 25.31
C SER A 529 2.16 0.50 24.45
N THR A 530 3.35 0.38 25.03
CA THR A 530 4.51 -0.07 24.26
C THR A 530 4.35 -1.50 23.78
N GLU A 531 3.79 -2.37 24.63
CA GLU A 531 3.63 -3.78 24.27
C GLU A 531 2.66 -3.97 23.11
N ALA A 532 1.85 -2.96 22.79
CA ALA A 532 0.97 -3.02 21.64
C ALA A 532 1.66 -2.59 20.34
N GLY A 533 2.89 -2.12 20.41
CA GLY A 533 3.60 -1.73 19.21
C GLY A 533 4.39 -2.87 18.62
N GLN A 534 5.20 -3.51 19.45
CA GLN A 534 6.05 -4.60 18.97
C GLN A 534 5.22 -5.72 18.39
N LYS A 535 4.12 -6.08 19.05
CA LYS A 535 3.23 -7.10 18.52
C LYS A 535 2.78 -6.77 17.10
N LEU A 536 2.53 -5.48 16.84
CA LEU A 536 2.26 -5.05 15.48
C LEU A 536 3.53 -5.02 14.63
N LEU A 537 4.62 -4.50 15.19
CA LEU A 537 5.84 -4.32 14.42
C LEU A 537 6.41 -5.64 13.93
N ASN A 538 6.06 -6.75 14.57
CA ASN A 538 6.51 -8.05 14.09
C ASN A 538 5.94 -8.35 12.71
N MET A 539 4.66 -8.04 12.49
CA MET A 539 4.05 -8.36 11.21
C MET A 539 4.50 -7.41 10.11
N LEU A 540 4.55 -6.11 10.41
CA LEU A 540 4.79 -5.11 9.38
C LEU A 540 6.13 -5.31 8.69
N ARG A 541 7.10 -5.88 9.41
CA ARG A 541 8.43 -6.06 8.84
C ARG A 541 8.50 -7.24 7.89
N LEU A 542 7.57 -8.19 7.98
CA LEU A 542 7.70 -9.40 7.17
C LEU A 542 7.51 -9.12 5.69
N GLY A 543 6.53 -8.29 5.34
CA GLY A 543 6.24 -8.08 3.93
C GLY A 543 5.65 -9.33 3.31
N ARG A 544 6.01 -9.59 2.06
CA ARG A 544 5.56 -10.78 1.35
C ARG A 544 6.54 -11.95 1.49
N SER A 545 7.59 -11.80 2.29
CA SER A 545 8.62 -12.83 2.41
C SER A 545 8.09 -14.12 3.01
N GLU A 546 6.94 -14.10 3.68
CA GLU A 546 6.35 -15.27 4.31
C GLU A 546 4.89 -15.37 3.92
N PRO A 547 4.32 -16.58 3.97
CA PRO A 547 2.89 -16.72 3.67
C PRO A 547 2.05 -15.90 4.64
N TRP A 548 0.93 -15.39 4.15
CA TRP A 548 0.15 -14.45 4.95
C TRP A 548 -0.45 -15.10 6.20
N THR A 549 -0.50 -16.43 6.25
CA THR A 549 -1.01 -17.09 7.45
C THR A 549 -0.10 -16.85 8.65
N LEU A 550 1.21 -16.99 8.46
CA LEU A 550 2.14 -16.74 9.57
C LEU A 550 2.13 -15.26 9.98
N ALA A 551 2.05 -14.37 8.99
CA ALA A 551 1.98 -12.94 9.30
C ALA A 551 0.75 -12.62 10.12
N LEU A 552 -0.40 -13.23 9.77
CA LEU A 552 -1.59 -13.04 10.57
C LEU A 552 -1.43 -13.62 11.96
N GLU A 553 -0.84 -14.81 12.07
CA GLU A 553 -0.67 -15.47 13.35
C GLU A 553 0.25 -14.70 14.28
N ASN A 554 1.19 -13.93 13.74
CA ASN A 554 2.06 -13.14 14.60
C ASN A 554 1.30 -12.07 15.37
N VAL A 555 0.08 -11.75 14.98
CA VAL A 555 -0.72 -10.69 15.62
C VAL A 555 -1.97 -11.26 16.28
N VAL A 556 -2.77 -12.01 15.53
CA VAL A 556 -4.08 -12.42 16.05
C VAL A 556 -4.03 -13.74 16.82
N GLY A 557 -3.01 -14.56 16.62
CA GLY A 557 -2.93 -15.84 17.27
C GLY A 557 -3.67 -16.95 16.55
N ALA A 558 -4.36 -16.65 15.45
CA ALA A 558 -5.08 -17.63 14.66
C ALA A 558 -4.41 -17.80 13.31
N LYS A 559 -5.04 -18.61 12.45
CA LYS A 559 -4.46 -18.96 11.16
C LYS A 559 -5.28 -18.50 9.96
N ASN A 560 -6.56 -18.16 10.16
CA ASN A 560 -7.41 -17.74 9.05
C ASN A 560 -8.45 -16.75 9.56
N MET A 561 -9.38 -16.39 8.70
CA MET A 561 -10.36 -15.38 9.01
C MET A 561 -11.33 -15.87 10.10
N ASP A 562 -11.89 -14.93 10.84
CA ASP A 562 -12.90 -15.20 11.84
C ASP A 562 -13.70 -13.93 12.09
N VAL A 563 -14.99 -14.08 12.35
CA VAL A 563 -15.89 -12.94 12.48
C VAL A 563 -16.29 -12.69 13.92
N ARG A 564 -15.68 -13.35 14.90
CA ARG A 564 -16.03 -13.12 16.29
C ARG A 564 -15.72 -11.70 16.76
N PRO A 565 -14.55 -11.11 16.48
CA PRO A 565 -14.34 -9.71 16.91
C PRO A 565 -15.31 -8.73 16.29
N LEU A 566 -15.73 -8.95 15.05
CA LEU A 566 -16.69 -8.06 14.42
C LEU A 566 -18.02 -8.08 15.15
N LEU A 567 -18.46 -9.26 15.60
CA LEU A 567 -19.69 -9.35 16.36
C LEU A 567 -19.51 -8.89 17.80
N ASN A 568 -18.28 -8.91 18.33
CA ASN A 568 -18.03 -8.33 19.64
C ASN A 568 -18.08 -6.82 19.60
N TYR A 569 -17.69 -6.21 18.48
CA TYR A 569 -17.73 -4.75 18.36
C TYR A 569 -19.15 -4.22 18.47
N PHE A 570 -20.11 -4.89 17.81
CA PHE A 570 -21.46 -4.40 17.69
C PHE A 570 -22.44 -5.07 18.64
N GLU A 571 -21.95 -5.61 19.76
CA GLU A 571 -22.84 -6.32 20.67
C GLU A 571 -23.93 -5.44 21.28
N PRO A 572 -23.64 -4.25 21.82
CA PRO A 572 -24.73 -3.42 22.36
C PRO A 572 -25.76 -3.03 21.31
N LEU A 573 -25.32 -2.73 20.08
CA LEU A 573 -26.26 -2.43 19.02
C LEU A 573 -27.13 -3.64 18.71
N PHE A 574 -26.53 -4.83 18.70
CA PHE A 574 -27.32 -6.04 18.44
C PHE A 574 -28.39 -6.25 19.51
N THR A 575 -28.02 -6.06 20.78
CA THR A 575 -29.00 -6.22 21.84
C THR A 575 -30.10 -5.17 21.75
N TRP A 576 -29.73 -3.91 21.50
CA TRP A 576 -30.74 -2.86 21.39
C TRP A 576 -31.68 -3.09 20.22
N LEU A 577 -31.14 -3.51 19.08
CA LEU A 577 -31.98 -3.81 17.92
C LEU A 577 -32.90 -4.99 18.20
N LYS A 578 -32.40 -6.01 18.90
CA LYS A 578 -33.24 -7.13 19.29
C LYS A 578 -34.33 -6.70 20.27
N GLU A 579 -34.10 -5.66 21.06
CA GLU A 579 -35.12 -5.12 21.94
C GLU A 579 -36.17 -4.27 21.21
N GLN A 580 -35.75 -3.45 20.24
CA GLN A 580 -36.70 -2.54 19.59
C GLN A 580 -37.57 -3.24 18.56
N ASN A 581 -37.15 -4.39 18.04
CA ASN A 581 -37.88 -5.09 16.99
C ASN A 581 -38.79 -6.18 17.53
N ARG A 582 -39.39 -5.98 18.70
CA ARG A 582 -40.20 -7.04 19.30
C ARG A 582 -41.47 -7.28 18.49
N ASN A 583 -42.26 -6.23 18.26
CA ASN A 583 -43.50 -6.34 17.50
C ASN A 583 -43.29 -5.96 16.04
N SER A 584 -42.39 -6.67 15.38
CA SER A 584 -42.09 -6.45 13.97
C SER A 584 -41.83 -7.79 13.31
N PHE A 585 -41.30 -7.75 12.10
CA PHE A 585 -41.02 -8.96 11.34
C PHE A 585 -39.59 -8.90 10.80
N VAL A 586 -38.84 -9.98 11.00
CA VAL A 586 -37.47 -10.09 10.49
C VAL A 586 -37.47 -11.03 9.30
N GLY A 587 -36.55 -10.79 8.37
CA GLY A 587 -36.46 -11.57 7.15
C GLY A 587 -37.19 -10.89 6.00
N TRP A 588 -37.22 -11.59 4.87
CA TRP A 588 -37.92 -11.07 3.70
C TRP A 588 -38.30 -12.23 2.79
N SER A 589 -39.44 -12.08 2.12
CA SER A 589 -39.94 -13.08 1.18
C SER A 589 -39.78 -12.55 -0.24
N THR A 590 -39.22 -13.39 -1.12
CA THR A 590 -38.75 -12.94 -2.43
C THR A 590 -39.82 -13.13 -3.52
N GLU A 591 -40.98 -12.53 -3.31
CA GLU A 591 -42.03 -12.54 -4.32
C GLU A 591 -42.66 -11.18 -4.57
N TRP A 592 -42.68 -10.27 -3.60
CA TRP A 592 -43.30 -8.97 -3.80
C TRP A 592 -42.48 -8.12 -4.76
N THR A 593 -43.17 -7.38 -5.61
CA THR A 593 -42.54 -6.51 -6.58
C THR A 593 -43.27 -5.18 -6.60
N PRO A 594 -42.54 -4.08 -6.76
CA PRO A 594 -43.19 -2.75 -6.72
C PRO A 594 -43.92 -2.40 -8.00
N TYR A 595 -43.40 -2.85 -9.16
CA TYR A 595 -44.08 -2.54 -10.41
C TYR A 595 -45.31 -3.42 -10.60
N ALA A 596 -45.29 -4.64 -10.05
CA ALA A 596 -46.40 -5.59 -10.17
C ALA A 596 -46.77 -5.86 -11.63
N LEU B 17 55.96 18.64 8.17
CA LEU B 17 54.59 18.57 8.67
C LEU B 17 53.72 17.75 7.71
N CYS B 18 52.95 16.83 8.27
CA CYS B 18 52.16 15.91 7.45
C CYS B 18 50.93 16.62 6.89
N PRO B 19 50.68 16.49 5.59
CA PRO B 19 49.54 17.20 4.94
C PRO B 19 48.24 16.41 4.98
N PHE B 20 47.73 16.17 6.19
CA PHE B 20 46.40 15.61 6.34
C PHE B 20 45.33 16.53 5.76
N ASP B 21 45.58 17.84 5.75
CA ASP B 21 44.57 18.79 5.28
C ASP B 21 44.23 18.57 3.81
N GLU B 22 45.11 17.94 3.04
CA GLU B 22 44.76 17.60 1.67
C GLU B 22 43.86 16.38 1.60
N VAL B 23 44.07 15.40 2.48
CA VAL B 23 43.30 14.17 2.45
C VAL B 23 41.87 14.39 2.92
N PHE B 24 41.70 15.09 4.03
CA PHE B 24 40.37 15.29 4.59
C PHE B 24 39.62 16.44 3.95
N ASN B 25 40.25 17.19 3.06
CA ASN B 25 39.60 18.30 2.39
C ASN B 25 39.82 18.19 0.89
N ALA B 26 39.99 16.97 0.39
CA ALA B 26 40.23 16.76 -1.02
C ALA B 26 39.01 17.20 -1.82
N THR B 27 39.23 18.01 -2.86
CA THR B 27 38.12 18.51 -3.65
C THR B 27 37.46 17.42 -4.47
N ARG B 28 38.17 16.33 -4.76
CA ARG B 28 37.60 15.19 -5.47
C ARG B 28 38.03 13.92 -4.79
N PHE B 29 37.07 13.03 -4.54
CA PHE B 29 37.35 11.73 -3.94
C PHE B 29 37.35 10.65 -5.02
N ALA B 30 37.87 9.50 -4.65
CA ALA B 30 37.96 8.36 -5.55
C ALA B 30 36.86 7.35 -5.27
N SER B 31 36.64 6.45 -6.23
CA SER B 31 35.63 5.43 -6.08
C SER B 31 36.08 4.41 -5.03
N VAL B 32 35.21 3.42 -4.78
CA VAL B 32 35.49 2.44 -3.74
C VAL B 32 36.33 1.28 -4.27
N TYR B 33 36.09 0.84 -5.51
CA TYR B 33 36.85 -0.29 -6.04
C TYR B 33 38.28 0.12 -6.39
N ALA B 34 38.44 1.29 -7.01
CA ALA B 34 39.77 1.83 -7.28
C ALA B 34 40.16 2.83 -6.18
N TRP B 35 40.17 2.35 -4.95
CA TRP B 35 40.31 3.24 -3.81
C TRP B 35 41.70 3.87 -3.76
N ASN B 36 41.76 5.10 -3.27
CA ASN B 36 42.99 5.87 -3.23
C ASN B 36 43.71 5.65 -1.90
N ARG B 37 45.03 5.55 -1.98
CA ARG B 37 45.90 5.34 -0.83
C ARG B 37 47.04 6.33 -0.84
N LYS B 38 47.34 6.89 0.34
CA LYS B 38 48.41 7.87 0.49
C LYS B 38 49.30 7.46 1.65
N ARG B 39 50.59 7.74 1.53
CA ARG B 39 51.58 7.37 2.52
C ARG B 39 52.10 8.61 3.22
N ILE B 40 52.21 8.54 4.55
CA ILE B 40 52.66 9.64 5.37
C ILE B 40 53.84 9.16 6.21
N SER B 41 54.94 9.89 6.15
CA SER B 41 56.16 9.52 6.86
C SER B 41 57.09 10.72 6.94
N ASN B 42 58.02 10.65 7.89
CA ASN B 42 59.09 11.64 8.06
C ASN B 42 58.53 13.06 8.23
N CYS B 43 57.45 13.17 9.01
CA CYS B 43 56.82 14.45 9.28
C CYS B 43 56.11 14.39 10.61
N VAL B 44 55.81 15.57 11.16
CA VAL B 44 55.11 15.70 12.43
C VAL B 44 53.62 15.80 12.12
N ALA B 45 52.86 14.79 12.51
CA ALA B 45 51.43 14.74 12.25
C ALA B 45 50.68 15.36 13.41
N ASP B 46 49.89 16.39 13.12
CA ASP B 46 49.03 17.01 14.12
C ASP B 46 47.68 16.30 14.09
N TYR B 47 47.45 15.44 15.08
CA TYR B 47 46.22 14.67 15.12
C TYR B 47 45.04 15.46 15.70
N SER B 48 45.27 16.67 16.16
CA SER B 48 44.20 17.48 16.73
C SER B 48 43.47 18.32 15.68
N VAL B 49 43.96 18.38 14.45
CA VAL B 49 43.29 19.13 13.39
C VAL B 49 42.24 18.27 12.70
N LEU B 50 42.11 17.02 13.11
CA LEU B 50 41.06 16.15 12.62
C LEU B 50 39.73 16.38 13.30
N TYR B 51 39.73 17.07 14.45
CA TYR B 51 38.49 17.44 15.15
C TYR B 51 37.99 18.81 14.73
N ASN B 52 38.67 19.47 13.79
CA ASN B 52 38.25 20.76 13.28
C ASN B 52 37.39 20.63 12.02
N PHE B 53 36.99 19.42 11.65
CA PHE B 53 36.15 19.20 10.49
C PHE B 53 34.70 19.06 10.95
N ALA B 54 33.82 18.72 10.01
CA ALA B 54 32.40 18.58 10.30
C ALA B 54 32.17 17.42 11.27
N PRO B 55 31.05 17.43 12.00
CA PRO B 55 30.77 16.32 12.92
C PRO B 55 30.72 15.00 12.18
N PHE B 56 31.20 13.95 12.85
CA PHE B 56 31.49 12.68 12.22
C PHE B 56 30.47 11.63 12.61
N PHE B 57 30.05 10.84 11.63
CA PHE B 57 29.02 9.83 11.84
C PHE B 57 29.57 8.64 12.62
N ALA B 58 30.81 8.23 12.36
CA ALA B 58 31.42 7.12 13.05
C ALA B 58 32.90 7.40 13.22
N PHE B 59 33.41 7.15 14.42
CA PHE B 59 34.81 7.40 14.77
C PHE B 59 35.38 6.23 15.57
N LYS B 60 35.18 5.02 15.06
CA LYS B 60 35.65 3.83 15.73
C LYS B 60 37.16 3.71 15.61
N CYS B 61 37.83 3.42 16.72
CA CYS B 61 39.28 3.22 16.74
C CYS B 61 39.58 1.86 17.37
N TYR B 62 40.55 1.16 16.80
CA TYR B 62 40.93 -0.17 17.25
C TYR B 62 42.38 -0.17 17.69
N GLY B 63 42.62 -0.47 18.97
CA GLY B 63 43.94 -0.70 19.48
C GLY B 63 44.69 0.51 19.98
N VAL B 64 44.29 1.72 19.58
CA VAL B 64 44.98 2.94 19.98
C VAL B 64 43.95 3.89 20.59
N SER B 65 44.15 4.24 21.85
CA SER B 65 43.23 5.16 22.49
C SER B 65 43.42 6.56 21.90
N PRO B 66 42.33 7.22 21.49
CA PRO B 66 42.49 8.57 20.92
C PRO B 66 43.17 9.55 21.86
N THR B 67 42.86 9.49 23.16
CA THR B 67 43.51 10.38 24.10
C THR B 67 44.99 10.09 24.25
N LYS B 68 45.41 8.87 23.92
CA LYS B 68 46.83 8.51 23.85
C LYS B 68 47.33 8.50 22.42
N LEU B 69 46.49 8.88 21.45
CA LEU B 69 46.90 8.86 20.05
C LEU B 69 48.07 9.80 19.82
N ASN B 70 48.05 10.98 20.44
CA ASN B 70 49.16 11.91 20.33
C ASN B 70 50.34 11.53 21.23
N ASP B 71 50.19 10.51 22.07
CA ASP B 71 51.20 10.15 23.04
C ASP B 71 52.08 8.98 22.59
N LEU B 72 51.95 8.55 21.34
CA LEU B 72 52.72 7.44 20.82
C LEU B 72 53.38 7.85 19.50
N CYS B 73 54.25 6.99 18.99
CA CYS B 73 54.98 7.25 17.76
C CYS B 73 54.89 6.03 16.86
N PHE B 74 55.01 6.26 15.55
CA PHE B 74 54.86 5.20 14.55
C PHE B 74 55.78 5.50 13.38
N THR B 75 56.03 4.47 12.58
CA THR B 75 56.94 4.59 11.45
C THR B 75 56.25 5.17 10.23
N ASN B 76 55.15 4.55 9.79
CA ASN B 76 54.43 4.98 8.59
C ASN B 76 52.95 5.02 8.87
N VAL B 77 52.26 5.93 8.19
CA VAL B 77 50.81 6.05 8.29
C VAL B 77 50.22 5.90 6.88
N TYR B 78 49.31 4.96 6.72
CA TYR B 78 48.65 4.74 5.44
C TYR B 78 47.21 5.21 5.53
N ALA B 79 46.84 6.14 4.66
CA ALA B 79 45.50 6.71 4.63
C ALA B 79 44.77 6.24 3.37
N ASP B 80 43.64 5.58 3.56
CA ASP B 80 42.82 5.09 2.47
C ASP B 80 41.53 5.88 2.43
N SER B 81 41.12 6.32 1.24
CA SER B 81 39.93 7.16 1.10
C SER B 81 38.98 6.56 0.08
N PHE B 82 37.69 6.65 0.38
CA PHE B 82 36.68 6.27 -0.63
C PHE B 82 35.32 6.86 -0.23
N VAL B 83 34.34 6.61 -1.09
CA VAL B 83 32.96 7.09 -0.92
C VAL B 83 32.02 5.90 -1.10
N ILE B 84 31.13 5.70 -0.14
CA ILE B 84 30.19 4.58 -0.14
C ILE B 84 28.83 5.07 0.35
N ARG B 85 27.88 4.14 0.45
CA ARG B 85 26.56 4.46 0.95
C ARG B 85 26.58 4.66 2.47
N GLY B 86 25.39 4.79 3.04
CA GLY B 86 25.25 4.96 4.48
C GLY B 86 24.98 3.65 5.18
N ASN B 87 24.35 2.71 4.50
CA ASN B 87 24.09 1.39 5.05
C ASN B 87 25.33 0.50 5.02
N GLU B 88 26.39 0.93 4.35
CA GLU B 88 27.58 0.12 4.15
C GLU B 88 28.73 0.52 5.07
N VAL B 89 28.58 1.59 5.84
CA VAL B 89 29.66 2.04 6.71
C VAL B 89 29.94 1.01 7.80
N SER B 90 28.90 0.34 8.28
CA SER B 90 29.08 -0.69 9.30
C SER B 90 29.87 -1.88 8.81
N GLN B 91 30.04 -2.04 7.49
CA GLN B 91 30.83 -3.14 6.96
C GLN B 91 32.33 -2.87 7.02
N ILE B 92 32.75 -1.64 7.30
CA ILE B 92 34.18 -1.33 7.47
C ILE B 92 34.48 -1.58 8.95
N ALA B 93 34.74 -2.84 9.27
CA ALA B 93 35.09 -3.24 10.63
C ALA B 93 35.73 -4.62 10.55
N PRO B 94 36.65 -4.94 11.46
CA PRO B 94 37.29 -6.25 11.39
C PRO B 94 36.28 -7.37 11.61
N GLY B 95 36.35 -8.38 10.75
CA GLY B 95 35.55 -9.57 10.93
C GLY B 95 34.19 -9.54 10.28
N GLN B 96 33.72 -8.36 9.87
CA GLN B 96 32.39 -8.25 9.29
C GLN B 96 32.39 -8.71 7.84
N THR B 97 31.28 -9.33 7.43
CA THR B 97 31.11 -9.86 6.09
C THR B 97 29.91 -9.22 5.42
N GLY B 98 29.98 -9.12 4.09
CA GLY B 98 28.93 -8.49 3.31
C GLY B 98 29.24 -8.43 1.83
N ASN B 99 29.03 -7.28 1.21
CA ASN B 99 29.29 -7.11 -0.22
C ASN B 99 30.46 -6.17 -0.47
N ILE B 100 30.45 -4.97 0.12
CA ILE B 100 31.57 -4.05 -0.05
C ILE B 100 32.82 -4.61 0.61
N ALA B 101 32.66 -5.27 1.76
CA ALA B 101 33.79 -5.79 2.52
C ALA B 101 34.30 -7.12 1.99
N ASP B 102 33.70 -7.67 0.94
CA ASP B 102 34.13 -8.96 0.41
C ASP B 102 34.54 -8.85 -1.05
N TYR B 103 34.17 -7.75 -1.71
CA TYR B 103 34.48 -7.55 -3.11
C TYR B 103 35.23 -6.25 -3.40
N ASN B 104 35.25 -5.30 -2.46
CA ASN B 104 35.83 -3.98 -2.71
C ASN B 104 37.00 -3.65 -1.80
N TYR B 105 36.83 -3.80 -0.50
CA TYR B 105 37.87 -3.38 0.45
C TYR B 105 37.80 -4.26 1.68
N LYS B 106 38.86 -4.99 1.97
CA LYS B 106 38.91 -5.90 3.10
C LYS B 106 39.90 -5.38 4.13
N LEU B 107 39.50 -5.40 5.40
CA LEU B 107 40.25 -4.88 6.52
C LEU B 107 40.80 -6.03 7.37
N PRO B 108 42.06 -5.97 7.79
CA PRO B 108 42.65 -7.09 8.52
C PRO B 108 42.01 -7.29 9.88
N ASP B 109 42.09 -8.52 10.37
CA ASP B 109 41.42 -8.87 11.62
C ASP B 109 42.00 -8.11 12.81
N ASP B 110 43.32 -8.11 12.95
CA ASP B 110 43.99 -7.38 14.02
C ASP B 110 44.37 -5.98 13.61
N PHE B 111 43.42 -5.20 13.09
CA PHE B 111 43.73 -3.88 12.58
C PHE B 111 44.02 -2.91 13.72
N THR B 112 45.04 -2.08 13.53
CA THR B 112 45.46 -1.08 14.52
C THR B 112 45.43 0.28 13.85
N GLY B 113 44.32 1.00 14.00
CA GLY B 113 44.18 2.32 13.41
C GLY B 113 42.87 2.97 13.76
N CYS B 114 42.33 3.80 12.87
CA CYS B 114 41.07 4.47 13.12
C CYS B 114 40.28 4.64 11.83
N VAL B 115 38.96 4.77 11.97
CA VAL B 115 38.03 4.91 10.86
C VAL B 115 37.21 6.17 11.07
N ILE B 116 37.13 7.01 10.05
CA ILE B 116 36.37 8.26 10.10
C ILE B 116 35.41 8.27 8.92
N ALA B 117 34.16 8.64 9.19
CA ALA B 117 33.16 8.72 8.13
C ALA B 117 32.29 9.94 8.36
N TRP B 118 31.93 10.63 7.28
CA TRP B 118 31.04 11.77 7.41
C TRP B 118 30.17 11.93 6.17
N ASN B 119 29.03 12.59 6.36
CA ASN B 119 28.05 12.76 5.30
C ASN B 119 28.41 13.93 4.41
N SER B 120 28.35 13.71 3.10
CA SER B 120 28.68 14.72 2.10
C SER B 120 27.60 14.77 1.03
N ASN B 121 26.33 14.83 1.47
CA ASN B 121 25.22 14.79 0.53
C ASN B 121 25.24 16.00 -0.40
N LYS B 122 25.45 17.19 0.16
CA LYS B 122 25.40 18.40 -0.66
C LYS B 122 26.54 18.46 -1.65
N LEU B 123 27.74 18.04 -1.24
CA LEU B 123 28.92 18.22 -2.08
C LEU B 123 28.98 17.18 -3.20
N ASP B 124 28.51 15.97 -2.96
CA ASP B 124 28.73 14.83 -3.85
C ASP B 124 27.42 14.29 -4.41
N SER B 125 26.51 15.18 -4.79
CA SER B 125 25.24 14.75 -5.38
C SER B 125 24.73 15.86 -6.29
N LYS B 126 24.06 15.45 -7.36
CA LYS B 126 23.52 16.38 -8.35
C LYS B 126 22.05 16.07 -8.59
N VAL B 127 21.32 17.07 -9.08
CA VAL B 127 19.90 16.89 -9.32
C VAL B 127 19.66 15.83 -10.39
N GLY B 128 20.45 15.83 -11.46
CA GLY B 128 20.36 14.74 -12.42
C GLY B 128 20.85 13.42 -11.86
N GLY B 129 21.94 13.45 -11.10
CA GLY B 129 22.48 12.26 -10.49
C GLY B 129 23.88 11.93 -10.92
N ASN B 130 24.78 11.73 -9.97
CA ASN B 130 26.13 11.27 -10.27
C ASN B 130 26.10 9.84 -10.76
N TYR B 131 26.91 9.56 -11.79
CA TYR B 131 27.03 8.20 -12.29
C TYR B 131 28.50 7.79 -12.46
N ASN B 132 29.43 8.59 -11.95
CA ASN B 132 30.84 8.25 -11.99
C ASN B 132 31.31 7.51 -10.75
N TYR B 133 30.51 7.49 -9.70
CA TYR B 133 30.80 6.70 -8.51
C TYR B 133 30.20 5.30 -8.70
N ARG B 134 31.06 4.29 -8.77
CA ARG B 134 30.63 2.93 -9.08
C ARG B 134 31.32 1.94 -8.16
N TYR B 135 30.78 0.72 -8.14
CA TYR B 135 31.28 -0.34 -7.27
C TYR B 135 31.08 -1.70 -7.92
N ARG B 136 31.81 -2.68 -7.42
CA ARG B 136 31.85 -4.03 -7.98
C ARG B 136 30.96 -4.95 -7.15
N LEU B 137 30.22 -5.83 -7.84
CA LEU B 137 29.25 -6.68 -7.18
C LEU B 137 29.42 -8.17 -7.48
N PHE B 138 30.33 -8.54 -8.38
CA PHE B 138 30.56 -9.94 -8.70
C PHE B 138 32.05 -10.23 -8.72
N ARG B 139 32.47 -11.26 -8.00
CA ARG B 139 33.86 -11.70 -8.05
C ARG B 139 33.92 -13.18 -7.68
N LYS B 140 34.93 -13.85 -8.22
CA LYS B 140 35.02 -15.31 -8.06
C LYS B 140 35.30 -15.69 -6.62
N SER B 141 36.28 -15.06 -5.98
CA SER B 141 36.71 -15.41 -4.63
C SER B 141 36.91 -14.15 -3.80
N ASN B 142 36.89 -14.33 -2.48
CA ASN B 142 37.07 -13.21 -1.58
C ASN B 142 38.46 -12.60 -1.75
N LEU B 143 38.66 -11.47 -1.09
CA LEU B 143 39.87 -10.68 -1.25
C LEU B 143 40.74 -10.75 0.00
N LYS B 144 42.04 -10.94 -0.22
CA LYS B 144 42.99 -10.85 0.88
C LYS B 144 43.08 -9.41 1.36
N PRO B 145 43.37 -9.17 2.63
CA PRO B 145 43.33 -7.80 3.16
C PRO B 145 44.29 -6.89 2.42
N PHE B 146 43.84 -5.66 2.18
CA PHE B 146 44.62 -4.63 1.48
C PHE B 146 44.99 -5.11 0.07
N GLU B 147 43.97 -5.36 -0.73
CA GLU B 147 44.13 -5.76 -2.12
C GLU B 147 43.23 -4.91 -3.01
N ARG B 148 43.77 -4.52 -4.16
CA ARG B 148 43.07 -3.70 -5.13
C ARG B 148 42.78 -4.53 -6.37
N ASP B 149 41.54 -4.46 -6.85
CA ASP B 149 41.11 -5.14 -8.06
C ASP B 149 40.56 -4.11 -9.03
N ILE B 150 41.20 -3.99 -10.19
CA ILE B 150 40.79 -3.00 -11.18
C ILE B 150 40.37 -3.67 -12.50
N SER B 151 40.53 -4.98 -12.64
CA SER B 151 40.19 -5.65 -13.89
C SER B 151 38.71 -5.50 -14.20
N THR B 152 38.40 -5.37 -15.48
CA THR B 152 37.04 -5.13 -15.95
C THR B 152 36.63 -6.21 -16.95
N GLU B 153 36.89 -7.47 -16.57
CA GLU B 153 36.54 -8.61 -17.40
C GLU B 153 35.09 -9.02 -17.16
N ILE B 154 34.47 -9.59 -18.18
CA ILE B 154 33.06 -10.00 -18.06
C ILE B 154 32.96 -11.21 -17.16
N TYR B 155 32.02 -11.16 -16.22
CA TYR B 155 31.86 -12.22 -15.23
C TYR B 155 31.35 -13.49 -15.89
N GLN B 156 31.80 -14.63 -15.37
CA GLN B 156 31.38 -15.94 -15.87
C GLN B 156 30.69 -16.68 -14.74
N ALA B 157 29.46 -17.14 -14.97
CA ALA B 157 28.66 -17.84 -13.98
C ALA B 157 28.37 -19.27 -14.38
N GLY B 158 27.99 -19.51 -15.63
CA GLY B 158 27.69 -20.84 -16.13
C GLY B 158 28.92 -21.51 -16.72
N ASN B 159 28.71 -22.26 -17.80
CA ASN B 159 29.78 -22.96 -18.47
C ASN B 159 30.05 -22.49 -19.89
N LYS B 160 29.12 -21.78 -20.50
CA LYS B 160 29.36 -21.24 -21.84
C LYS B 160 30.46 -20.19 -21.78
N PRO B 161 31.46 -20.25 -22.65
CA PRO B 161 32.47 -19.20 -22.68
C PRO B 161 31.92 -17.87 -23.20
N CYS B 162 31.78 -16.89 -22.31
CA CYS B 162 31.32 -15.57 -22.72
C CYS B 162 32.46 -14.87 -23.45
N ASN B 163 32.24 -14.50 -24.71
CA ASN B 163 33.31 -13.94 -25.55
C ASN B 163 33.39 -12.44 -25.36
N GLY B 164 33.52 -12.04 -24.10
CA GLY B 164 33.58 -10.63 -23.75
C GLY B 164 32.35 -9.86 -24.16
N VAL B 165 31.18 -10.50 -24.13
CA VAL B 165 29.93 -9.90 -24.55
C VAL B 165 28.88 -10.13 -23.47
N ALA B 166 28.18 -9.08 -23.09
CA ALA B 166 27.15 -9.16 -22.06
C ALA B 166 25.88 -9.72 -22.67
N GLY B 167 25.74 -11.04 -22.62
CA GLY B 167 24.59 -11.74 -23.12
C GLY B 167 23.88 -12.48 -22.00
N VAL B 168 23.28 -13.62 -22.36
CA VAL B 168 22.62 -14.46 -21.38
C VAL B 168 23.68 -15.12 -20.49
N ASN B 169 23.47 -15.05 -19.17
CA ASN B 169 24.37 -15.61 -18.17
C ASN B 169 25.77 -15.01 -18.24
N CYS B 170 25.91 -13.82 -18.85
CA CYS B 170 27.17 -13.11 -18.90
C CYS B 170 26.91 -11.69 -18.41
N TYR B 171 27.60 -11.27 -17.35
CA TYR B 171 27.29 -10.02 -16.67
C TYR B 171 28.49 -9.08 -16.64
N PHE B 172 28.19 -7.79 -16.70
CA PHE B 172 29.21 -6.77 -16.49
C PHE B 172 29.51 -6.66 -14.99
N PRO B 173 30.76 -6.41 -14.61
CA PRO B 173 31.12 -6.52 -13.18
C PRO B 173 30.90 -5.25 -12.35
N LEU B 174 30.59 -4.11 -12.96
CA LEU B 174 30.53 -2.85 -12.23
C LEU B 174 29.15 -2.21 -12.38
N GLN B 175 28.67 -1.58 -11.30
CA GLN B 175 27.41 -0.88 -11.32
C GLN B 175 27.55 0.46 -10.61
N SER B 176 26.71 1.42 -10.99
CA SER B 176 26.90 2.81 -10.60
C SER B 176 25.94 3.20 -9.49
N TYR B 177 26.46 3.99 -8.54
CA TYR B 177 25.64 4.64 -7.53
C TYR B 177 24.86 5.78 -8.18
N GLY B 178 23.54 5.77 -8.04
CA GLY B 178 22.72 6.84 -8.57
C GLY B 178 22.42 7.91 -7.55
N PHE B 179 23.45 8.61 -7.08
CA PHE B 179 23.28 9.57 -5.99
C PHE B 179 22.38 10.72 -6.41
N ARG B 180 21.37 11.02 -5.60
CA ARG B 180 20.41 12.08 -5.87
C ARG B 180 20.08 12.81 -4.57
N PRO B 181 19.70 14.08 -4.66
CA PRO B 181 19.57 14.88 -3.43
C PRO B 181 18.34 14.56 -2.62
N THR B 182 17.31 13.94 -3.21
CA THR B 182 16.07 13.71 -2.48
C THR B 182 16.02 12.35 -1.81
N TYR B 183 17.15 11.65 -1.70
CA TYR B 183 17.18 10.34 -1.06
C TYR B 183 17.03 10.45 0.45
N GLY B 184 17.04 9.32 1.14
CA GLY B 184 16.85 9.30 2.57
C GLY B 184 18.10 9.63 3.34
N VAL B 185 18.36 8.89 4.42
CA VAL B 185 19.55 9.09 5.21
C VAL B 185 20.54 7.95 5.05
N GLY B 186 20.08 6.72 4.79
CA GLY B 186 20.94 5.59 4.58
C GLY B 186 21.36 5.37 3.14
N HIS B 187 21.03 6.28 2.24
CA HIS B 187 21.42 6.15 0.84
C HIS B 187 22.20 7.34 0.32
N GLN B 188 22.41 8.36 1.12
CA GLN B 188 23.19 9.50 0.69
C GLN B 188 24.67 9.17 0.67
N PRO B 189 25.47 9.87 -0.15
CA PRO B 189 26.90 9.58 -0.21
C PRO B 189 27.61 9.91 1.10
N TYR B 190 28.44 8.99 1.55
CA TYR B 190 29.24 9.14 2.76
C TYR B 190 30.71 8.92 2.43
N ARG B 191 31.56 9.83 2.92
CA ARG B 191 33.00 9.78 2.66
C ARG B 191 33.69 9.12 3.85
N VAL B 192 34.57 8.16 3.56
CA VAL B 192 35.22 7.34 4.57
C VAL B 192 36.73 7.41 4.37
N VAL B 193 37.45 7.65 5.47
CA VAL B 193 38.90 7.65 5.51
C VAL B 193 39.37 6.69 6.61
N VAL B 194 40.28 5.79 6.27
CA VAL B 194 40.82 4.82 7.20
C VAL B 194 42.31 5.08 7.37
N LEU B 195 42.74 5.27 8.61
CA LEU B 195 44.14 5.47 8.94
C LEU B 195 44.69 4.19 9.56
N SER B 196 45.79 3.70 9.02
CA SER B 196 46.47 2.51 9.53
C SER B 196 47.90 2.87 9.89
N PHE B 197 48.41 2.27 10.96
CA PHE B 197 49.70 2.61 11.51
C PHE B 197 50.68 1.45 11.39
N GLU B 198 51.96 1.79 11.18
CA GLU B 198 53.02 0.80 11.05
C GLU B 198 54.11 1.07 12.09
N LEU B 199 54.61 -0.02 12.69
CA LEU B 199 55.67 0.09 13.70
C LEU B 199 56.78 -0.92 13.48
N LEU B 200 57.25 -1.07 12.24
CA LEU B 200 58.36 -1.96 11.95
C LEU B 200 59.02 -1.59 10.61
#